data_6G4P
#
_entry.id   6G4P
#
_cell.length_a   91.510
_cell.length_b   106.560
_cell.length_c   150.200
_cell.angle_alpha   90.00
_cell.angle_beta   90.00
_cell.angle_gamma   90.00
#
_symmetry.space_group_name_H-M   'P 21 21 21'
#
loop_
_entity.id
_entity.type
_entity.pdbx_description
1 polymer Acetylcholinesterase
2 non-polymer 2-acetamido-2-deoxy-beta-D-glucopyranose
3 non-polymer 'ethoxy-~{N},~{N}-dimethyl-phosphonamidic acid'
4 non-polymer 6-[4-[(7-chloranyl-1,2,3,4-tetrahydroacridin-9-yl)amino]butyl]-2-[(~{Z})-hydroxyiminomethyl]pyridin-3-ol
5 non-polymer 'CHLORIDE ION'
6 non-polymer 'TETRAETHYLENE GLYCOL'
7 water water
#
_entity_poly.entity_id   1
_entity_poly.type   'polypeptide(L)'
_entity_poly.pdbx_seq_one_letter_code
;DDHSELLVNTKSGKVMGTRVPVLSSHISAFLGIPFAEPPVGNMRFRRPEPKKPWSGVWNASTYPNNCQQYVDEQFPGFSG
SEMWNPNREMSEDCLYLNIWVPSPRPKSTTVMVWIYGGGFYSGSSTLDVYNGKYLAYTEEVVLVSLSYRVGAFGFLALHG
SQEAPGNVGLLDQRMALQWVHDNIQFFGGDPKTVTIFGESAGGASVGMHILSPGSRDLFRRAILQSGSPNCPWASVSVAE
GRRRAVELGRNLNCNLNSDEELIHCLREKKPQELIDVEWNVLPFDSIFRFSFVPVIDGEFFPTSLESMLNSGNFKKTQIL
LGVNKDEGSFFLLYGAPGFSKDSESKISREDFMSGVKLSVPHANDLGLDAVTLQYTDWMDDNNGIKNRDGLDDIVGDHNV
ICPLMHFVNKYTKFGNGTYLYFFNHRASNLVWPEWMGVIHGYEIEFVFGLPLVKELNYTAEEEALSRRIMHYWATFAKTG
NPNEPHSQESKWPLFTTKEQKFIDLNTEPMKVHQRLRVQMCVFWNQFLPKLLNATAC
;
_entity_poly.pdbx_strand_id   A,B
#
# COMPACT_ATOMS: atom_id res chain seq x y z
N SER A 4 -59.47 30.08 5.04
CA SER A 4 -58.28 30.46 4.28
C SER A 4 -57.26 29.32 4.17
N GLU A 5 -56.16 29.61 3.49
CA GLU A 5 -55.13 28.66 3.09
C GLU A 5 -53.86 28.74 3.94
N LEU A 6 -53.40 29.95 4.26
CA LEU A 6 -52.22 30.13 5.08
C LEU A 6 -52.51 30.03 6.58
N LEU A 7 -53.78 29.82 6.96
CA LEU A 7 -54.14 29.67 8.36
C LEU A 7 -54.34 28.18 8.60
N VAL A 8 -53.41 27.60 9.33
CA VAL A 8 -53.39 26.17 9.61
C VAL A 8 -53.40 25.99 11.12
N ASN A 9 -54.22 25.06 11.60
CA ASN A 9 -54.39 24.83 13.04
C ASN A 9 -53.81 23.46 13.39
N THR A 10 -52.70 23.48 14.13
CA THR A 10 -51.83 22.36 14.50
C THR A 10 -52.21 21.78 15.87
N LYS A 11 -51.54 20.70 16.24
CA LYS A 11 -51.76 20.13 17.57
C LYS A 11 -51.20 21.04 18.66
N SER A 12 -50.67 22.19 18.28
CA SER A 12 -50.10 23.13 19.25
C SER A 12 -50.65 24.53 19.13
N GLY A 13 -51.46 24.80 18.11
CA GLY A 13 -52.12 26.08 17.95
C GLY A 13 -52.18 26.46 16.49
N LYS A 14 -52.43 27.73 16.21
CA LYS A 14 -52.53 28.18 14.84
C LYS A 14 -51.25 28.90 14.38
N VAL A 15 -50.86 28.64 13.13
CA VAL A 15 -49.75 29.31 12.48
C VAL A 15 -50.30 30.02 11.24
N MET A 16 -49.89 31.26 11.03
CA MET A 16 -50.21 31.97 9.79
C MET A 16 -48.93 32.23 9.04
N GLY A 17 -48.72 31.46 7.96
CA GLY A 17 -47.58 31.61 7.11
C GLY A 17 -47.84 32.55 5.95
N THR A 18 -46.87 32.60 5.04
CA THR A 18 -46.76 33.63 4.03
C THR A 18 -46.84 33.00 2.65
N ARG A 19 -47.39 33.74 1.68
CA ARG A 19 -47.38 33.33 0.27
C ARG A 19 -46.22 34.01 -0.44
N VAL A 20 -45.37 33.21 -1.08
CA VAL A 20 -44.09 33.67 -1.61
C VAL A 20 -43.97 33.38 -3.11
N PRO A 21 -43.18 34.14 -3.86
CA PRO A 21 -43.01 33.81 -5.28
C PRO A 21 -41.90 32.78 -5.51
N VAL A 22 -42.16 31.90 -6.49
CA VAL A 22 -41.22 30.87 -6.93
C VAL A 22 -41.39 30.78 -8.44
N LEU A 23 -40.39 31.23 -9.20
CA LEU A 23 -40.29 30.96 -10.63
C LEU A 23 -41.58 31.31 -11.38
N SER A 24 -41.91 32.60 -11.36
CA SER A 24 -43.07 33.24 -11.99
C SER A 24 -44.39 32.81 -11.35
N SER A 25 -44.37 31.89 -10.39
CA SER A 25 -45.52 31.30 -9.72
C SER A 25 -45.40 31.59 -8.22
N HIS A 26 -46.29 31.01 -7.42
CA HIS A 26 -46.32 31.26 -5.99
C HIS A 26 -46.61 29.97 -5.22
N ILE A 27 -45.90 29.77 -4.10
CA ILE A 27 -46.22 28.71 -3.15
C ILE A 27 -46.26 29.32 -1.74
N SER A 28 -46.69 28.52 -0.75
CA SER A 28 -46.87 29.02 0.61
C SER A 28 -45.83 28.42 1.56
N ALA A 29 -45.21 29.28 2.36
CA ALA A 29 -44.21 28.91 3.34
C ALA A 29 -44.73 29.19 4.74
N PHE A 30 -44.31 28.37 5.71
CA PHE A 30 -44.57 28.60 7.12
C PHE A 30 -43.20 28.60 7.80
N LEU A 31 -42.69 29.78 8.15
CA LEU A 31 -41.30 29.91 8.59
C LEU A 31 -41.20 30.13 10.10
N GLY A 32 -40.27 29.43 10.74
CA GLY A 32 -40.03 29.66 12.16
C GLY A 32 -41.17 29.22 13.05
N ILE A 33 -41.76 28.06 12.77
CA ILE A 33 -42.69 27.46 13.73
C ILE A 33 -41.88 26.82 14.85
N PRO A 34 -42.24 27.04 16.11
CA PRO A 34 -41.50 26.42 17.23
C PRO A 34 -42.00 25.01 17.49
N PHE A 35 -41.08 24.04 17.46
CA PHE A 35 -41.39 22.65 17.79
C PHE A 35 -40.96 22.27 19.18
N ALA A 36 -40.43 23.22 19.95
CA ALA A 36 -39.88 22.89 21.26
C ALA A 36 -39.77 24.15 22.09
N GLU A 37 -39.68 23.97 23.41
CA GLU A 37 -39.60 25.11 24.33
C GLU A 37 -38.16 25.62 24.37
N PRO A 38 -37.97 26.94 24.46
CA PRO A 38 -36.63 27.53 24.38
C PRO A 38 -35.64 26.91 25.35
N PRO A 39 -34.51 26.41 24.84
CA PRO A 39 -33.52 25.62 25.61
C PRO A 39 -32.55 26.52 26.37
N VAL A 40 -33.11 27.45 27.15
CA VAL A 40 -32.36 28.54 27.77
C VAL A 40 -32.35 28.41 29.29
N GLY A 41 -31.65 29.31 29.96
CA GLY A 41 -31.70 29.35 31.41
C GLY A 41 -31.20 28.05 32.01
N ASN A 42 -31.96 27.53 32.98
CA ASN A 42 -31.63 26.24 33.57
C ASN A 42 -31.79 25.07 32.60
N MET A 43 -32.29 25.32 31.40
CA MET A 43 -32.55 24.26 30.43
C MET A 43 -31.44 24.16 29.41
N ARG A 44 -30.29 24.77 29.67
CA ARG A 44 -29.13 24.63 28.83
C ARG A 44 -28.52 23.23 29.00
N PHE A 45 -28.11 22.60 27.90
CA PHE A 45 -27.61 21.22 27.88
C PHE A 45 -28.67 20.21 28.30
N ARG A 46 -29.92 20.64 28.39
CA ARG A 46 -30.98 19.74 28.81
C ARG A 46 -31.69 19.23 27.58
N ARG A 47 -32.33 18.08 27.71
CA ARG A 47 -33.07 17.56 26.60
C ARG A 47 -34.16 18.52 26.18
N PRO A 48 -34.54 18.49 24.90
CA PRO A 48 -35.61 19.41 24.50
C PRO A 48 -36.87 19.10 25.30
N GLU A 49 -37.75 20.10 25.41
CA GLU A 49 -39.13 20.05 25.89
C GLU A 49 -40.08 20.35 24.74
N PRO A 50 -41.21 19.65 24.65
CA PRO A 50 -42.17 20.01 23.60
C PRO A 50 -42.72 21.40 23.84
N LYS A 51 -42.72 22.19 22.78
CA LYS A 51 -43.38 23.49 22.75
C LYS A 51 -44.80 23.40 23.30
N LYS A 52 -45.07 24.16 24.37
CA LYS A 52 -46.40 24.21 24.95
C LYS A 52 -47.37 24.96 24.04
N PRO A 53 -48.63 24.51 23.93
CA PRO A 53 -49.57 25.14 22.99
C PRO A 53 -49.77 26.62 23.22
N TRP A 54 -49.92 27.35 22.12
CA TRP A 54 -50.11 28.79 22.15
C TRP A 54 -51.52 29.16 21.71
N SER A 55 -52.20 29.93 22.55
CA SER A 55 -53.42 30.60 22.15
C SER A 55 -53.05 31.85 21.36
N GLY A 56 -53.91 32.20 20.40
CA GLY A 56 -53.55 33.18 19.39
C GLY A 56 -52.73 32.58 18.26
N VAL A 57 -52.52 33.40 17.22
CA VAL A 57 -51.92 32.92 15.98
C VAL A 57 -50.40 33.15 16.03
N TRP A 58 -49.64 32.21 15.45
CA TRP A 58 -48.19 32.34 15.34
C TRP A 58 -47.84 32.95 13.99
N ASN A 59 -47.26 34.15 14.01
CA ASN A 59 -46.88 34.82 12.76
C ASN A 59 -45.64 34.12 12.23
N ALA A 60 -45.83 33.32 11.19
CA ALA A 60 -44.75 32.53 10.63
C ALA A 60 -44.31 33.08 9.29
N SER A 61 -44.13 34.40 9.19
CA SER A 61 -43.86 35.03 7.91
C SER A 61 -42.38 35.25 7.66
N THR A 62 -41.54 35.03 8.65
CA THR A 62 -40.13 35.35 8.52
C THR A 62 -39.31 34.21 9.09
N TYR A 63 -38.05 34.14 8.65
CA TYR A 63 -37.13 33.13 9.12
C TYR A 63 -36.88 33.25 10.61
N PRO A 64 -36.69 32.16 11.29
CA PRO A 64 -36.37 32.25 12.76
C PRO A 64 -34.94 32.73 13.07
N ASN A 65 -34.57 32.66 14.34
CA ASN A 65 -33.16 32.87 14.74
C ASN A 65 -32.31 31.65 14.41
N ASN A 66 -31.00 31.80 14.59
CA ASN A 66 -30.08 30.70 14.44
C ASN A 66 -29.41 30.35 15.77
N CYS A 67 -29.12 29.06 15.96
CA CYS A 67 -28.46 28.62 17.19
C CYS A 67 -27.06 29.19 17.30
N GLN A 68 -26.68 29.60 18.51
CA GLN A 68 -25.32 30.05 18.81
C GLN A 68 -24.25 29.16 18.18
N GLN A 69 -23.37 29.78 17.40
CA GLN A 69 -22.34 29.08 16.65
C GLN A 69 -21.00 29.78 16.75
N TYR A 70 -19.94 29.04 16.41
CA TYR A 70 -18.73 29.64 15.86
C TYR A 70 -19.01 30.19 14.46
N VAL A 71 -18.69 31.46 14.24
CA VAL A 71 -18.82 32.06 12.91
C VAL A 71 -17.45 32.08 12.23
N ASP A 72 -17.41 31.72 10.95
CA ASP A 72 -16.17 31.59 10.19
C ASP A 72 -15.75 32.94 9.63
N GLU A 73 -14.46 33.25 9.74
CA GLU A 73 -13.99 34.56 9.30
C GLU A 73 -12.60 34.55 8.68
N GLN A 74 -12.12 33.44 8.12
CA GLN A 74 -10.85 33.49 7.40
C GLN A 74 -10.91 34.49 6.26
N PHE A 75 -12.05 34.56 5.59
CA PHE A 75 -12.23 35.40 4.42
C PHE A 75 -13.47 36.24 4.62
N PRO A 76 -13.34 37.37 5.33
CA PRO A 76 -14.47 38.29 5.46
C PRO A 76 -14.87 38.84 4.10
N GLY A 77 -16.17 38.80 3.83
CA GLY A 77 -16.72 39.20 2.55
C GLY A 77 -16.81 38.10 1.52
N PHE A 78 -16.01 37.05 1.65
CA PHE A 78 -15.96 36.02 0.60
C PHE A 78 -17.26 35.21 0.63
N SER A 79 -18.10 35.43 -0.40
CA SER A 79 -19.37 34.73 -0.51
C SER A 79 -19.22 33.23 -0.45
N GLY A 80 -18.05 32.70 -0.86
CA GLY A 80 -17.81 31.28 -0.79
C GLY A 80 -17.79 30.73 0.62
N SER A 81 -17.50 31.57 1.59
CA SER A 81 -17.59 31.19 3.00
C SER A 81 -18.79 31.79 3.70
N GLU A 82 -19.15 33.04 3.37
CA GLU A 82 -20.26 33.70 4.07
C GLU A 82 -21.57 32.93 3.91
N MET A 83 -21.79 32.35 2.72
CA MET A 83 -23.03 31.62 2.47
C MET A 83 -23.30 30.51 3.48
N TRP A 84 -22.36 30.17 4.36
CA TRP A 84 -22.57 29.17 5.40
C TRP A 84 -22.61 29.75 6.79
N ASN A 85 -22.39 31.05 6.95
CA ASN A 85 -22.52 31.70 8.26
C ASN A 85 -23.99 32.03 8.56
N PRO A 86 -24.37 32.01 9.83
CA PRO A 86 -25.72 32.45 10.20
C PRO A 86 -26.09 33.79 9.58
N ASN A 87 -27.27 33.83 8.93
CA ASN A 87 -27.75 35.07 8.30
C ASN A 87 -28.94 35.66 9.03
N ARG A 88 -29.12 35.32 10.31
CA ARG A 88 -30.04 36.01 11.22
C ARG A 88 -29.38 36.14 12.59
N GLU A 89 -30.05 36.86 13.48
CA GLU A 89 -29.59 36.94 14.87
C GLU A 89 -29.35 35.52 15.42
N MET A 90 -28.27 35.36 16.18
CA MET A 90 -28.00 34.13 16.90
C MET A 90 -28.61 34.23 18.29
N SER A 91 -29.08 33.10 18.79
CA SER A 91 -29.83 33.05 20.03
C SER A 91 -29.90 31.62 20.53
N GLU A 92 -29.89 31.43 21.85
CA GLU A 92 -30.15 30.10 22.39
C GLU A 92 -31.59 29.66 22.10
N ASP A 93 -32.54 30.59 22.07
CA ASP A 93 -33.89 30.27 21.66
C ASP A 93 -33.92 30.14 20.14
N CYS A 94 -33.73 28.91 19.64
CA CYS A 94 -33.48 28.71 18.21
C CYS A 94 -34.13 27.46 17.61
N LEU A 95 -34.85 26.66 18.40
CA LEU A 95 -35.51 25.45 17.93
C LEU A 95 -36.79 25.81 17.18
N TYR A 96 -36.65 26.03 15.88
CA TYR A 96 -37.78 26.29 15.02
C TYR A 96 -37.60 25.44 13.76
N LEU A 97 -38.70 25.21 13.05
CA LEU A 97 -38.68 24.52 11.78
C LEU A 97 -39.51 25.30 10.78
N ASN A 98 -39.13 25.21 9.51
CA ASN A 98 -39.80 25.88 8.40
C ASN A 98 -40.39 24.87 7.44
N ILE A 99 -41.59 25.18 6.95
CA ILE A 99 -42.34 24.28 6.08
C ILE A 99 -42.63 25.00 4.76
N TRP A 100 -42.39 24.33 3.65
CA TRP A 100 -42.80 24.81 2.33
C TRP A 100 -43.88 23.88 1.81
N VAL A 101 -45.00 24.48 1.39
CA VAL A 101 -46.20 23.78 0.96
C VAL A 101 -46.53 24.25 -0.45
N PRO A 102 -46.58 23.36 -1.45
CA PRO A 102 -47.03 23.79 -2.79
C PRO A 102 -48.44 24.37 -2.76
N SER A 103 -48.78 25.11 -3.82
CA SER A 103 -50.16 25.63 -3.90
C SER A 103 -50.82 25.34 -5.25
N PRO A 104 -52.10 24.90 -5.23
CA PRO A 104 -53.00 24.50 -4.15
C PRO A 104 -52.41 23.55 -3.10
N ARG A 105 -52.83 23.65 -1.85
CA ARG A 105 -52.28 22.76 -0.84
C ARG A 105 -52.68 21.33 -1.14
N PRO A 106 -51.73 20.41 -1.22
CA PRO A 106 -52.06 19.03 -1.57
C PRO A 106 -52.72 18.22 -0.45
N LYS A 107 -52.88 16.94 -0.74
CA LYS A 107 -53.73 16.04 0.02
C LYS A 107 -52.88 14.83 0.37
N SER A 108 -52.44 14.75 1.63
CA SER A 108 -51.52 13.69 2.04
C SER A 108 -50.43 13.44 0.98
N THR A 109 -49.41 14.31 0.90
CA THR A 109 -48.34 14.18 -0.09
C THR A 109 -46.98 13.97 0.59
N THR A 110 -45.95 13.77 -0.24
CA THR A 110 -44.65 13.28 0.24
C THR A 110 -43.89 14.36 1.01
N VAL A 111 -43.36 13.99 2.17
CA VAL A 111 -42.65 14.89 3.07
C VAL A 111 -41.16 14.59 3.00
N MET A 112 -40.35 15.65 2.86
CA MET A 112 -38.89 15.58 2.92
C MET A 112 -38.36 16.56 3.97
N VAL A 113 -37.80 16.04 5.06
CA VAL A 113 -37.23 16.85 6.13
C VAL A 113 -35.73 16.99 5.91
N TRP A 114 -35.20 18.21 6.02
CA TRP A 114 -33.78 18.48 5.76
C TRP A 114 -33.04 18.80 7.06
N ILE A 115 -31.93 18.11 7.31
CA ILE A 115 -31.05 18.39 8.46
C ILE A 115 -29.75 18.99 7.96
N TYR A 116 -29.29 20.10 8.57
CA TYR A 116 -28.10 20.77 8.06
C TYR A 116 -26.83 20.18 8.65
N GLY A 117 -25.73 20.31 7.90
CA GLY A 117 -24.41 20.01 8.43
C GLY A 117 -23.74 21.25 8.98
N GLY A 118 -22.52 21.07 9.47
CA GLY A 118 -21.77 22.15 10.07
C GLY A 118 -20.87 21.62 11.17
N GLY A 119 -20.61 20.31 11.10
CA GLY A 119 -19.68 19.63 12.00
C GLY A 119 -20.16 19.53 13.42
N PHE A 120 -21.47 19.67 13.65
CA PHE A 120 -22.10 19.73 14.96
C PHE A 120 -21.68 20.94 15.77
N TYR A 121 -20.87 21.84 15.20
CA TYR A 121 -20.55 23.10 15.84
C TYR A 121 -21.23 24.30 15.17
N SER A 122 -21.87 24.09 14.03
CA SER A 122 -22.49 25.20 13.31
C SER A 122 -23.57 24.68 12.36
N GLY A 123 -24.24 25.60 11.69
CA GLY A 123 -25.32 25.34 10.76
C GLY A 123 -26.58 26.17 11.05
N SER A 124 -27.37 26.40 10.01
CA SER A 124 -28.56 27.24 10.14
C SER A 124 -29.59 26.75 9.14
N SER A 125 -30.86 26.75 9.55
CA SER A 125 -31.92 26.39 8.61
C SER A 125 -32.24 27.51 7.63
N THR A 126 -31.70 28.70 7.85
CA THR A 126 -32.20 29.89 7.18
C THR A 126 -31.33 30.33 6.02
N LEU A 127 -30.28 29.58 5.70
CA LEU A 127 -29.40 29.94 4.60
C LEU A 127 -30.16 29.97 3.27
N ASP A 128 -29.52 30.57 2.26
CA ASP A 128 -30.16 30.73 0.97
C ASP A 128 -30.07 29.48 0.11
N VAL A 129 -29.12 28.59 0.39
CA VAL A 129 -29.05 27.35 -0.38
C VAL A 129 -29.96 26.28 0.20
N TYR A 130 -30.42 26.48 1.43
CA TYR A 130 -31.42 25.59 1.99
C TYR A 130 -32.83 26.10 1.79
N ASN A 131 -33.01 27.21 1.05
CA ASN A 131 -34.35 27.71 0.76
C ASN A 131 -35.14 26.68 -0.03
N GLY A 132 -36.13 26.05 0.60
CA GLY A 132 -36.82 24.93 -0.01
C GLY A 132 -37.90 25.24 -1.03
N LYS A 133 -38.20 26.52 -1.27
CA LYS A 133 -39.34 26.86 -2.13
C LYS A 133 -39.22 26.28 -3.54
N TYR A 134 -38.00 26.01 -4.04
CA TYR A 134 -37.89 25.51 -5.41
C TYR A 134 -38.19 24.03 -5.50
N LEU A 135 -37.68 23.27 -4.52
CA LEU A 135 -37.91 21.84 -4.51
C LEU A 135 -39.35 21.53 -4.16
N ALA A 136 -39.90 22.23 -3.16
CA ALA A 136 -41.31 22.10 -2.83
C ALA A 136 -42.16 22.29 -4.07
N TYR A 137 -41.83 23.33 -4.85
CA TYR A 137 -42.67 23.73 -5.97
C TYR A 137 -42.56 22.75 -7.14
N THR A 138 -41.34 22.49 -7.59
CA THR A 138 -41.16 21.77 -8.85
C THR A 138 -41.39 20.27 -8.72
N GLU A 139 -41.23 19.69 -7.53
CA GLU A 139 -41.48 18.26 -7.33
C GLU A 139 -42.77 17.98 -6.57
N GLU A 140 -43.52 19.03 -6.22
CA GLU A 140 -44.82 18.91 -5.53
C GLU A 140 -44.70 18.14 -4.22
N VAL A 141 -43.63 18.39 -3.47
CA VAL A 141 -43.50 17.78 -2.15
C VAL A 141 -43.59 18.89 -1.08
N VAL A 142 -43.76 18.45 0.15
CA VAL A 142 -43.74 19.33 1.31
C VAL A 142 -42.33 19.28 1.87
N LEU A 143 -41.67 20.43 1.92
CA LEU A 143 -40.31 20.52 2.41
C LEU A 143 -40.29 21.15 3.81
N VAL A 144 -39.74 20.42 4.76
CA VAL A 144 -39.48 20.88 6.12
C VAL A 144 -37.97 20.98 6.29
N SER A 145 -37.50 22.02 6.97
CA SER A 145 -36.13 22.00 7.50
C SER A 145 -36.20 22.27 8.99
N LEU A 146 -35.57 21.39 9.76
CA LEU A 146 -35.59 21.53 11.20
C LEU A 146 -34.36 22.33 11.61
N SER A 147 -34.04 22.28 12.90
CA SER A 147 -32.83 22.89 13.43
C SER A 147 -32.47 22.14 14.70
N TYR A 148 -31.23 22.34 15.15
CA TYR A 148 -30.77 21.73 16.39
C TYR A 148 -29.67 22.57 17.04
N ARG A 149 -29.60 22.52 18.37
CA ARG A 149 -28.46 23.13 19.05
C ARG A 149 -27.16 22.46 18.59
N VAL A 150 -26.18 23.28 18.26
CA VAL A 150 -24.90 22.82 17.79
C VAL A 150 -23.87 23.08 18.88
N GLY A 151 -22.66 22.56 18.68
CA GLY A 151 -21.56 22.73 19.60
C GLY A 151 -21.91 22.32 21.02
N ALA A 152 -21.27 22.97 22.00
CA ALA A 152 -21.48 22.54 23.38
C ALA A 152 -22.95 22.62 23.76
N PHE A 153 -23.67 23.59 23.23
CA PHE A 153 -25.09 23.73 23.51
C PHE A 153 -25.90 22.49 23.15
N GLY A 154 -25.48 21.76 22.13
CA GLY A 154 -26.21 20.61 21.69
C GLY A 154 -25.56 19.32 22.11
N PHE A 155 -24.23 19.29 22.28
CA PHE A 155 -23.58 17.98 22.42
C PHE A 155 -22.63 17.88 23.59
N LEU A 156 -22.62 18.86 24.49
CA LEU A 156 -21.84 18.69 25.70
C LEU A 156 -22.42 17.52 26.48
N ALA A 157 -21.55 16.61 26.92
CA ALA A 157 -22.02 15.34 27.43
C ALA A 157 -21.25 14.95 28.69
N LEU A 158 -21.92 14.96 29.82
CA LEU A 158 -21.45 14.28 31.03
C LEU A 158 -22.42 13.12 31.31
N HIS A 159 -22.18 12.01 30.61
CA HIS A 159 -23.02 10.82 30.75
C HIS A 159 -23.12 10.39 32.21
N GLY A 160 -24.36 10.23 32.68
CA GLY A 160 -24.64 9.87 34.06
C GLY A 160 -25.37 10.95 34.82
N SER A 161 -25.15 12.20 34.46
CA SER A 161 -26.06 13.26 34.81
C SER A 161 -27.29 13.17 33.92
N GLN A 162 -28.42 13.66 34.43
CA GLN A 162 -29.60 13.89 33.61
C GLN A 162 -29.73 15.35 33.24
N GLU A 163 -28.82 16.19 33.73
CA GLU A 163 -28.84 17.61 33.42
C GLU A 163 -28.06 17.95 32.16
N ALA A 164 -27.05 17.14 31.82
CA ALA A 164 -26.29 17.34 30.58
C ALA A 164 -25.92 15.97 30.03
N PRO A 165 -26.91 15.21 29.56
CA PRO A 165 -26.66 13.81 29.18
C PRO A 165 -25.92 13.65 27.86
N GLY A 166 -25.90 14.70 27.04
CA GLY A 166 -25.30 14.60 25.72
C GLY A 166 -26.27 14.05 24.71
N ASN A 167 -26.01 14.38 23.45
CA ASN A 167 -26.90 14.09 22.34
C ASN A 167 -28.18 14.89 22.37
N VAL A 168 -28.33 15.82 23.30
CA VAL A 168 -29.56 16.61 23.31
C VAL A 168 -29.78 17.21 21.92
N GLY A 169 -28.71 17.60 21.25
CA GLY A 169 -28.84 18.14 19.91
C GLY A 169 -29.47 17.18 18.91
N LEU A 170 -29.24 15.87 19.07
CA LEU A 170 -29.93 14.91 18.21
C LEU A 170 -31.38 14.76 18.64
N LEU A 171 -31.63 14.84 19.96
CA LEU A 171 -32.99 14.86 20.47
C LEU A 171 -33.77 16.05 19.95
N ASP A 172 -33.08 17.17 19.67
CA ASP A 172 -33.75 18.31 19.05
C ASP A 172 -34.27 17.94 17.66
N GLN A 173 -33.47 17.22 16.89
CA GLN A 173 -33.91 16.77 15.56
C GLN A 173 -35.07 15.79 15.68
N ARG A 174 -35.05 14.91 16.68
CA ARG A 174 -36.13 13.95 16.84
C ARG A 174 -37.41 14.63 17.27
N MET A 175 -37.32 15.54 18.24
CA MET A 175 -38.44 16.38 18.64
C MET A 175 -39.09 17.04 17.44
N ALA A 176 -38.29 17.53 16.50
CA ALA A 176 -38.83 18.13 15.29
C ALA A 176 -39.46 17.07 14.38
N LEU A 177 -38.85 15.88 14.32
CA LEU A 177 -39.45 14.81 13.53
C LEU A 177 -40.82 14.45 14.08
N GLN A 178 -40.93 14.40 15.41
CA GLN A 178 -42.20 14.11 16.06
C GLN A 178 -43.20 15.22 15.79
N TRP A 179 -42.74 16.47 15.79
CA TRP A 179 -43.62 17.55 15.39
C TRP A 179 -44.16 17.32 13.99
N VAL A 180 -43.32 16.85 13.07
CA VAL A 180 -43.76 16.58 11.70
C VAL A 180 -44.71 15.39 11.68
N HIS A 181 -44.45 14.37 12.51
CA HIS A 181 -45.31 13.19 12.52
C HIS A 181 -46.71 13.51 13.03
N ASP A 182 -46.84 14.53 13.88
CA ASP A 182 -48.10 14.86 14.53
C ASP A 182 -48.89 15.98 13.85
N ASN A 183 -48.27 16.80 12.98
CA ASN A 183 -48.89 17.97 12.41
C ASN A 183 -48.73 18.13 10.90
N ILE A 184 -47.84 17.38 10.25
CA ILE A 184 -47.64 17.62 8.83
C ILE A 184 -48.91 17.28 8.06
N GLN A 185 -49.74 16.38 8.59
CA GLN A 185 -50.97 16.06 7.89
C GLN A 185 -51.81 17.30 7.65
N PHE A 186 -51.80 18.25 8.63
CA PHE A 186 -52.55 19.50 8.56
C PHE A 186 -51.95 20.52 7.60
N PHE A 187 -50.81 20.22 6.98
CA PHE A 187 -50.23 21.04 5.91
C PHE A 187 -50.29 20.34 4.56
N GLY A 188 -50.93 19.19 4.47
CA GLY A 188 -50.95 18.40 3.27
C GLY A 188 -49.90 17.32 3.26
N GLY A 189 -49.08 17.26 4.29
CA GLY A 189 -48.04 16.24 4.35
C GLY A 189 -48.62 14.88 4.72
N ASP A 190 -47.95 13.82 4.25
CA ASP A 190 -48.23 12.45 4.63
C ASP A 190 -47.23 12.00 5.69
N PRO A 191 -47.60 11.92 6.97
CA PRO A 191 -46.66 11.39 7.98
C PRO A 191 -46.15 9.98 7.69
N LYS A 192 -46.77 9.23 6.78
CA LYS A 192 -46.31 7.88 6.50
C LYS A 192 -45.30 7.82 5.37
N THR A 193 -45.06 8.94 4.68
CA THR A 193 -44.10 9.00 3.59
C THR A 193 -43.15 10.17 3.83
N VAL A 194 -42.40 10.10 4.94
CA VAL A 194 -41.45 11.14 5.34
C VAL A 194 -40.02 10.72 5.04
N THR A 195 -39.31 11.56 4.30
CA THR A 195 -37.91 11.34 3.96
C THR A 195 -37.05 12.35 4.72
N ILE A 196 -36.15 11.86 5.57
CA ILE A 196 -35.14 12.73 6.15
C ILE A 196 -33.94 12.75 5.21
N PHE A 197 -33.24 13.87 5.13
CA PHE A 197 -31.98 13.92 4.39
C PHE A 197 -31.15 15.09 4.85
N GLY A 198 -29.85 15.00 4.58
CA GLY A 198 -28.94 16.01 5.06
C GLY A 198 -27.54 15.75 4.56
N GLU A 199 -26.72 16.79 4.62
CA GLU A 199 -25.35 16.77 4.14
C GLU A 199 -24.36 16.81 5.29
N SER A 200 -23.24 16.08 5.16
CA SER A 200 -22.11 16.12 6.09
C SER A 200 -22.53 15.70 7.50
N ALA A 201 -22.50 16.63 8.46
CA ALA A 201 -23.04 16.30 9.79
C ALA A 201 -24.55 16.08 9.73
N GLY A 202 -25.25 16.70 8.78
CA GLY A 202 -26.66 16.41 8.59
C GLY A 202 -26.88 15.02 8.03
N GLY A 203 -25.99 14.59 7.14
CA GLY A 203 -26.05 13.22 6.64
C GLY A 203 -25.75 12.19 7.70
N ALA A 204 -24.66 12.37 8.44
CA ALA A 204 -24.39 11.45 9.55
C ALA A 204 -25.56 11.39 10.51
N SER A 205 -26.37 12.45 10.56
CA SER A 205 -27.48 12.53 11.50
C SER A 205 -28.65 11.64 11.06
N VAL A 206 -29.02 11.71 9.77
CA VAL A 206 -29.99 10.75 9.26
C VAL A 206 -29.46 9.34 9.46
N GLY A 207 -28.15 9.14 9.32
CA GLY A 207 -27.56 7.86 9.67
C GLY A 207 -27.84 7.43 11.08
N MET A 208 -27.80 8.37 12.03
CA MET A 208 -27.97 7.99 13.43
C MET A 208 -29.43 7.84 13.82
N HIS A 209 -30.34 8.49 13.09
CA HIS A 209 -31.74 8.17 13.32
C HIS A 209 -32.08 6.80 12.72
N ILE A 210 -31.37 6.38 11.68
CA ILE A 210 -31.48 4.99 11.24
C ILE A 210 -31.08 4.05 12.37
N LEU A 211 -30.00 4.38 13.10
CA LEU A 211 -29.60 3.44 14.14
C LEU A 211 -30.48 3.53 15.37
N SER A 212 -30.99 4.72 15.68
CA SER A 212 -31.58 4.98 16.98
C SER A 212 -32.95 4.35 17.09
N PRO A 213 -33.17 3.47 18.06
CA PRO A 213 -34.55 2.92 18.21
C PRO A 213 -35.61 3.98 18.60
N GLY A 214 -35.22 5.08 19.27
CA GLY A 214 -36.19 6.12 19.59
C GLY A 214 -36.55 7.06 18.45
N SER A 215 -35.86 6.89 17.32
CA SER A 215 -36.06 7.74 16.16
C SER A 215 -36.67 7.02 14.99
N ARG A 216 -36.58 5.66 14.95
CA ARG A 216 -36.78 4.88 13.72
C ARG A 216 -38.19 5.00 13.16
N ASP A 217 -39.20 5.25 14.00
CA ASP A 217 -40.57 5.26 13.49
C ASP A 217 -41.01 6.64 13.04
N LEU A 218 -40.15 7.64 13.14
CA LEU A 218 -40.51 8.99 12.81
C LEU A 218 -40.34 9.32 11.33
N PHE A 219 -39.83 8.37 10.54
CA PHE A 219 -39.62 8.61 9.12
C PHE A 219 -39.66 7.27 8.40
N ARG A 220 -39.52 7.32 7.09
CA ARG A 220 -39.77 6.13 6.29
C ARG A 220 -38.57 5.76 5.42
N ARG A 221 -37.97 6.72 4.72
CA ARG A 221 -36.67 6.51 4.09
C ARG A 221 -35.72 7.65 4.44
N ALA A 222 -34.53 7.58 3.85
CA ALA A 222 -33.42 8.42 4.26
C ALA A 222 -32.47 8.62 3.09
N ILE A 223 -32.00 9.86 2.92
CA ILE A 223 -30.96 10.24 1.99
C ILE A 223 -29.79 10.78 2.80
N LEU A 224 -28.59 10.24 2.58
CA LEU A 224 -27.39 10.71 3.27
C LEU A 224 -26.44 11.31 2.24
N GLN A 225 -26.02 12.56 2.46
CA GLN A 225 -25.10 13.24 1.55
C GLN A 225 -23.75 13.46 2.23
N SER A 226 -22.72 12.74 1.78
CA SER A 226 -21.34 12.99 2.18
C SER A 226 -21.14 12.85 3.70
N GLY A 227 -21.82 11.89 4.31
CA GLY A 227 -21.64 11.68 5.74
C GLY A 227 -22.37 10.44 6.19
N SER A 228 -21.97 9.95 7.36
CA SER A 228 -22.49 8.68 7.85
C SER A 228 -22.18 8.54 9.34
N PRO A 229 -23.05 7.87 10.12
CA PRO A 229 -22.88 7.86 11.60
C PRO A 229 -21.48 7.44 12.05
N ASN A 230 -20.91 6.46 11.37
CA ASN A 230 -19.67 5.84 11.80
C ASN A 230 -18.43 6.67 11.47
N CYS A 231 -18.55 7.74 10.67
CA CYS A 231 -17.48 8.69 10.38
C CYS A 231 -16.65 8.99 11.62
N PRO A 232 -15.33 9.17 11.45
CA PRO A 232 -14.46 9.25 12.63
C PRO A 232 -14.61 10.54 13.42
N TRP A 233 -15.14 11.60 12.81
CA TRP A 233 -15.35 12.89 13.45
C TRP A 233 -16.74 13.04 14.02
N ALA A 234 -17.55 12.00 13.89
CA ALA A 234 -18.98 12.11 14.11
C ALA A 234 -19.42 11.56 15.46
N SER A 235 -18.51 11.03 16.29
CA SER A 235 -18.88 10.40 17.54
C SER A 235 -17.68 10.37 18.47
N VAL A 236 -17.95 10.37 19.77
CA VAL A 236 -16.93 10.11 20.78
C VAL A 236 -17.54 9.23 21.86
N SER A 237 -16.69 8.70 22.74
CA SER A 237 -17.15 7.81 23.80
C SER A 237 -17.57 8.63 25.03
N VAL A 238 -18.24 7.96 25.97
CA VAL A 238 -18.67 8.68 27.18
C VAL A 238 -17.47 9.26 27.90
N ALA A 239 -16.32 8.61 27.79
CA ALA A 239 -15.16 9.01 28.57
C ALA A 239 -14.48 10.25 27.98
N GLU A 240 -14.41 10.35 26.64
CA GLU A 240 -13.79 11.52 26.02
C GLU A 240 -14.72 12.72 26.09
N GLY A 241 -16.01 12.52 25.81
CA GLY A 241 -16.97 13.60 25.94
C GLY A 241 -16.95 14.20 27.33
N ARG A 242 -16.88 13.36 28.37
CA ARG A 242 -16.77 13.89 29.72
C ARG A 242 -15.57 14.78 29.86
N ARG A 243 -14.44 14.31 29.36
CA ARG A 243 -13.17 14.97 29.62
C ARG A 243 -13.05 16.26 28.82
N ARG A 244 -13.68 16.35 27.64
CA ARG A 244 -13.79 17.67 27.01
C ARG A 244 -14.77 18.57 27.71
N ALA A 245 -15.81 18.00 28.33
CA ALA A 245 -16.68 18.80 29.16
C ALA A 245 -15.90 19.44 30.29
N VAL A 246 -15.09 18.63 31.01
CA VAL A 246 -14.37 19.19 32.16
C VAL A 246 -13.29 20.16 31.70
N GLU A 247 -12.66 19.90 30.55
CA GLU A 247 -11.66 20.86 30.08
C GLU A 247 -12.32 22.15 29.60
N LEU A 248 -13.54 22.05 29.06
CA LEU A 248 -14.34 23.24 28.81
C LEU A 248 -14.43 24.10 30.06
N GLY A 249 -14.92 23.50 31.15
CA GLY A 249 -14.92 24.18 32.44
C GLY A 249 -13.57 24.71 32.85
N ARG A 250 -12.51 23.92 32.65
CA ARG A 250 -11.19 24.33 33.12
C ARG A 250 -10.71 25.57 32.36
N ASN A 251 -10.98 25.63 31.06
CA ASN A 251 -10.63 26.81 30.27
C ASN A 251 -11.37 28.05 30.75
N LEU A 252 -12.53 27.86 31.37
CA LEU A 252 -13.30 28.97 31.93
C LEU A 252 -13.31 28.95 33.45
N ASN A 253 -12.20 28.52 34.05
CA ASN A 253 -11.99 28.42 35.51
C ASN A 253 -13.28 28.03 36.25
N CYS A 254 -13.81 26.89 35.86
CA CYS A 254 -15.03 26.43 36.49
C CYS A 254 -14.70 25.51 37.66
N ASN A 255 -15.60 25.47 38.63
CA ASN A 255 -15.44 24.47 39.68
C ASN A 255 -15.75 23.11 39.10
N LEU A 256 -14.82 22.15 39.30
CA LEU A 256 -14.95 20.83 38.68
C LEU A 256 -15.07 19.70 39.70
N ASN A 257 -15.50 20.01 40.93
CA ASN A 257 -15.58 18.99 41.98
C ASN A 257 -16.67 17.96 41.67
N SER A 258 -17.69 18.34 40.91
CA SER A 258 -18.73 17.40 40.49
C SER A 258 -19.34 17.93 39.20
N ASP A 259 -20.34 17.20 38.70
CA ASP A 259 -21.08 17.66 37.54
C ASP A 259 -21.99 18.82 37.91
N GLU A 260 -22.81 18.64 38.95
CA GLU A 260 -23.81 19.66 39.27
C GLU A 260 -23.13 21.00 39.55
N GLU A 261 -21.95 20.97 40.17
CA GLU A 261 -21.15 22.19 40.24
C GLU A 261 -20.69 22.61 38.85
N LEU A 262 -20.08 21.69 38.11
CA LEU A 262 -19.52 22.03 36.79
C LEU A 262 -20.59 22.51 35.84
N ILE A 263 -21.73 21.80 35.80
CA ILE A 263 -22.81 22.18 34.89
C ILE A 263 -23.44 23.48 35.34
N HIS A 264 -23.61 23.67 36.66
CA HIS A 264 -24.06 24.96 37.15
C HIS A 264 -23.08 26.03 36.70
N CYS A 265 -21.79 25.88 37.01
CA CYS A 265 -20.79 26.88 36.65
C CYS A 265 -20.81 27.26 35.17
N LEU A 266 -21.27 26.35 34.29
CA LEU A 266 -21.20 26.61 32.85
C LEU A 266 -22.46 27.23 32.26
N ARG A 267 -23.53 27.41 33.05
CA ARG A 267 -24.77 27.98 32.55
C ARG A 267 -24.92 29.47 32.86
N GLU A 268 -24.02 30.03 33.68
CA GLU A 268 -23.96 31.47 33.93
C GLU A 268 -23.12 32.16 32.89
N LYS A 269 -22.48 31.40 32.02
CA LYS A 269 -21.55 31.95 31.06
C LYS A 269 -22.32 32.42 29.84
N LYS A 270 -21.98 33.62 29.36
CA LYS A 270 -22.56 34.14 28.13
C LYS A 270 -22.28 33.10 27.04
N PRO A 271 -23.13 32.98 26.03
CA PRO A 271 -22.94 31.87 25.08
C PRO A 271 -21.61 31.92 24.35
N GLN A 272 -21.20 33.08 23.86
CA GLN A 272 -19.91 33.14 23.19
C GLN A 272 -18.75 32.87 24.15
N GLU A 273 -18.97 32.91 25.46
CA GLU A 273 -17.90 32.52 26.38
C GLU A 273 -17.52 31.05 26.19
N LEU A 274 -18.51 30.19 25.89
CA LEU A 274 -18.16 28.80 25.59
C LEU A 274 -17.58 28.70 24.19
N ILE A 275 -18.26 29.32 23.22
CA ILE A 275 -17.81 29.32 21.84
C ILE A 275 -16.37 29.79 21.73
N ASP A 276 -15.98 30.78 22.54
CA ASP A 276 -14.63 31.33 22.44
C ASP A 276 -13.55 30.33 22.85
N VAL A 277 -13.88 29.33 23.67
CA VAL A 277 -12.95 28.32 24.13
C VAL A 277 -13.34 26.93 23.64
N GLU A 278 -14.37 26.84 22.80
CA GLU A 278 -14.84 25.54 22.33
C GLU A 278 -13.71 24.71 21.74
N TRP A 279 -12.90 25.32 20.87
CA TRP A 279 -11.92 24.51 20.16
C TRP A 279 -10.73 24.10 21.02
N ASN A 280 -10.62 24.64 22.24
CA ASN A 280 -9.42 24.40 23.04
C ASN A 280 -9.35 22.99 23.59
N VAL A 281 -10.42 22.21 23.49
CA VAL A 281 -10.48 20.95 24.20
C VAL A 281 -10.34 19.76 23.28
N LEU A 282 -10.15 20.00 21.98
CA LEU A 282 -9.76 18.92 21.09
C LEU A 282 -8.50 18.23 21.63
N PRO A 283 -8.48 16.88 21.67
CA PRO A 283 -7.30 16.18 22.20
C PRO A 283 -6.04 16.37 21.38
N PHE A 284 -6.16 16.64 20.09
CA PHE A 284 -5.03 16.70 19.18
C PHE A 284 -5.14 17.93 18.30
N ASP A 285 -3.98 18.43 17.87
CA ASP A 285 -3.91 19.20 16.64
C ASP A 285 -4.44 18.35 15.50
N SER A 286 -5.42 18.86 14.79
CA SER A 286 -6.12 18.04 13.81
C SER A 286 -6.84 18.94 12.82
N ILE A 287 -7.01 18.44 11.61
CA ILE A 287 -8.02 18.96 10.72
C ILE A 287 -9.17 17.96 10.75
N PHE A 288 -10.40 18.50 10.61
CA PHE A 288 -11.59 17.68 10.43
C PHE A 288 -12.00 16.96 11.72
N ARG A 289 -11.77 17.60 12.87
CA ARG A 289 -12.39 17.18 14.13
C ARG A 289 -13.06 18.37 14.78
N PHE A 290 -14.16 18.09 15.48
CA PHE A 290 -14.90 19.12 16.15
C PHE A 290 -15.16 18.66 17.59
N SER A 291 -15.37 19.65 18.46
CA SER A 291 -15.21 19.44 19.90
C SER A 291 -16.34 18.58 20.48
N PHE A 292 -17.58 19.07 20.41
CA PHE A 292 -18.75 18.41 21.00
C PHE A 292 -19.57 17.80 19.88
N VAL A 293 -19.55 16.47 19.84
CA VAL A 293 -20.18 15.66 18.79
C VAL A 293 -20.95 14.57 19.50
N PRO A 294 -21.88 13.92 18.82
CA PRO A 294 -22.71 12.90 19.47
C PRO A 294 -21.91 11.81 20.18
N VAL A 295 -22.42 11.34 21.32
CA VAL A 295 -21.71 10.39 22.18
C VAL A 295 -22.40 9.03 22.14
N ILE A 296 -21.59 7.96 22.13
CA ILE A 296 -22.05 6.58 22.30
C ILE A 296 -22.36 6.39 23.76
N ASP A 297 -23.63 6.60 24.13
CA ASP A 297 -24.01 6.73 25.54
C ASP A 297 -24.78 5.55 26.09
N GLY A 298 -25.38 4.73 25.23
CA GLY A 298 -26.18 3.61 25.68
C GLY A 298 -27.67 3.85 25.71
N GLU A 299 -28.15 5.00 25.24
CA GLU A 299 -29.59 5.25 25.16
C GLU A 299 -29.99 5.61 23.75
N PHE A 300 -29.56 6.77 23.24
CA PHE A 300 -29.76 7.08 21.84
C PHE A 300 -29.11 6.03 20.96
N PHE A 301 -27.90 5.60 21.32
CA PHE A 301 -27.30 4.47 20.62
C PHE A 301 -27.20 3.30 21.60
N PRO A 302 -28.06 2.30 21.49
CA PRO A 302 -27.99 1.16 22.42
C PRO A 302 -26.57 0.67 22.66
N THR A 303 -25.84 0.37 21.60
CA THR A 303 -24.50 -0.20 21.71
C THR A 303 -23.63 0.48 20.66
N SER A 304 -22.41 -0.05 20.51
CA SER A 304 -21.47 0.51 19.56
C SER A 304 -22.06 0.45 18.15
N LEU A 305 -21.68 1.43 17.33
CA LEU A 305 -22.26 1.54 16.00
C LEU A 305 -21.85 0.37 15.10
N GLU A 306 -20.68 -0.22 15.35
CA GLU A 306 -20.28 -1.35 14.54
C GLU A 306 -21.14 -2.58 14.85
N SER A 307 -21.33 -2.86 16.14
CA SER A 307 -22.14 -4.02 16.50
C SER A 307 -23.61 -3.82 16.14
N MET A 308 -24.10 -2.57 16.13
CA MET A 308 -25.44 -2.33 15.61
C MET A 308 -25.49 -2.64 14.12
N LEU A 309 -24.56 -2.07 13.35
CA LEU A 309 -24.47 -2.38 11.92
C LEU A 309 -24.22 -3.88 11.66
N ASN A 310 -23.59 -4.58 12.61
CA ASN A 310 -23.30 -6.01 12.45
C ASN A 310 -24.54 -6.87 12.66
N SER A 311 -25.13 -6.80 13.86
CA SER A 311 -26.30 -7.59 14.21
C SER A 311 -27.53 -7.20 13.41
N GLY A 312 -27.46 -6.10 12.66
CA GLY A 312 -28.58 -5.65 11.88
C GLY A 312 -29.56 -4.80 12.64
N ASN A 313 -29.18 -4.34 13.84
CA ASN A 313 -30.05 -3.53 14.70
C ASN A 313 -30.11 -2.11 14.17
N PHE A 314 -30.91 -1.93 13.11
CA PHE A 314 -31.18 -0.60 12.60
C PHE A 314 -32.45 -0.64 11.76
N LYS A 315 -32.89 0.53 11.34
CA LYS A 315 -34.08 0.64 10.53
C LYS A 315 -33.83 0.06 9.14
N LYS A 316 -34.70 -0.84 8.71
CA LYS A 316 -34.54 -1.46 7.41
C LYS A 316 -35.54 -0.82 6.45
N THR A 317 -35.00 -0.11 5.46
CA THR A 317 -35.81 0.51 4.42
C THR A 317 -34.87 0.75 3.23
N GLN A 318 -35.22 1.77 2.43
CA GLN A 318 -34.32 2.20 1.37
C GLN A 318 -33.54 3.43 1.80
N ILE A 319 -32.31 3.51 1.31
CA ILE A 319 -31.46 4.68 1.44
C ILE A 319 -30.94 5.05 0.07
N LEU A 320 -30.76 6.34 -0.14
CA LEU A 320 -30.07 6.90 -1.29
C LEU A 320 -28.96 7.79 -0.78
N LEU A 321 -27.74 7.56 -1.21
CA LEU A 321 -26.64 8.24 -0.54
C LEU A 321 -25.43 8.34 -1.46
N GLY A 322 -24.46 9.11 -1.03
CA GLY A 322 -23.28 9.28 -1.85
C GLY A 322 -22.32 10.30 -1.26
N VAL A 323 -21.37 10.69 -2.11
CA VAL A 323 -20.22 11.50 -1.74
C VAL A 323 -19.92 12.47 -2.88
N ASN A 324 -19.16 13.52 -2.58
CA ASN A 324 -18.61 14.39 -3.61
C ASN A 324 -17.17 13.97 -3.95
N LYS A 325 -16.68 14.45 -5.11
CA LYS A 325 -15.36 14.04 -5.61
C LYS A 325 -14.22 14.36 -4.65
N ASP A 326 -14.28 15.55 -4.00
CA ASP A 326 -13.15 16.14 -3.31
C ASP A 326 -13.62 16.69 -1.97
N GLU A 327 -13.96 15.79 -1.05
CA GLU A 327 -14.41 16.23 0.28
C GLU A 327 -13.30 16.95 1.02
N GLY A 328 -12.05 16.48 0.86
CA GLY A 328 -10.96 16.98 1.69
C GLY A 328 -10.66 18.46 1.52
N SER A 329 -10.86 19.00 0.32
CA SER A 329 -10.32 20.32 -0.06
C SER A 329 -10.61 21.42 0.94
N PHE A 330 -11.84 21.51 1.45
CA PHE A 330 -12.20 22.60 2.35
C PHE A 330 -11.28 22.63 3.56
N PHE A 331 -11.19 21.51 4.28
CA PHE A 331 -10.48 21.51 5.55
C PHE A 331 -8.99 21.76 5.40
N LEU A 332 -8.40 21.29 4.28
CA LEU A 332 -6.97 21.53 4.01
C LEU A 332 -6.64 23.02 3.90
N LEU A 333 -7.48 23.77 3.18
CA LEU A 333 -7.35 25.21 3.08
C LEU A 333 -7.29 25.90 4.44
N TYR A 334 -8.16 25.48 5.37
CA TYR A 334 -8.31 26.11 6.68
C TYR A 334 -7.29 25.64 7.72
N GLY A 335 -6.83 24.39 7.66
CA GLY A 335 -6.07 23.88 8.79
C GLY A 335 -4.71 23.31 8.45
N ALA A 336 -4.41 23.26 7.17
CA ALA A 336 -3.21 22.58 6.78
C ALA A 336 -2.21 23.56 6.19
N PRO A 337 -0.91 23.27 6.29
CA PRO A 337 0.11 24.15 5.74
C PRO A 337 0.41 23.88 4.25
N GLY A 338 0.88 24.94 3.60
CA GLY A 338 1.05 25.00 2.16
C GLY A 338 -0.22 25.32 1.39
N PHE A 339 -1.38 25.23 2.01
CA PHE A 339 -2.64 25.46 1.33
C PHE A 339 -3.02 26.92 1.49
N SER A 340 -3.49 27.48 0.39
CA SER A 340 -3.88 28.87 0.33
C SER A 340 -5.06 29.00 -0.62
N LYS A 341 -5.85 30.05 -0.39
CA LYS A 341 -7.03 30.27 -1.22
C LYS A 341 -6.68 30.84 -2.58
N ASP A 342 -5.52 31.49 -2.70
CA ASP A 342 -5.21 32.23 -3.91
C ASP A 342 -4.06 31.66 -4.72
N SER A 343 -3.35 30.65 -4.23
CA SER A 343 -2.41 29.96 -5.09
C SER A 343 -2.97 28.57 -5.42
N GLU A 344 -2.24 27.87 -6.28
CA GLU A 344 -2.62 26.52 -6.62
C GLU A 344 -2.29 25.52 -5.52
N SER A 345 -1.74 25.99 -4.40
CA SER A 345 -1.47 25.17 -3.24
C SER A 345 -0.72 23.90 -3.64
N LYS A 346 0.42 24.08 -4.29
CA LYS A 346 1.37 22.98 -4.40
C LYS A 346 2.04 22.74 -3.07
N ILE A 347 2.03 21.48 -2.63
CA ILE A 347 2.50 21.12 -1.31
C ILE A 347 3.91 20.52 -1.44
N SER A 348 4.87 21.10 -0.73
CA SER A 348 6.16 20.45 -0.55
C SER A 348 5.98 19.10 0.15
N ARG A 349 6.93 18.19 -0.07
CA ARG A 349 6.89 16.91 0.61
C ARG A 349 6.90 17.08 2.12
N GLU A 350 7.74 17.99 2.63
CA GLU A 350 7.77 18.25 4.06
C GLU A 350 6.40 18.71 4.56
N ASP A 351 5.74 19.58 3.79
CA ASP A 351 4.41 20.04 4.18
C ASP A 351 3.37 18.92 4.03
N PHE A 352 3.60 17.99 3.09
CA PHE A 352 2.73 16.82 2.94
C PHE A 352 2.70 15.98 4.20
N MET A 353 3.88 15.65 4.74
CA MET A 353 3.93 14.82 5.93
C MET A 353 3.30 15.51 7.12
N SER A 354 3.44 16.84 7.21
CA SER A 354 2.70 17.60 8.21
C SER A 354 1.20 17.39 8.04
N GLY A 355 0.71 17.46 6.80
CA GLY A 355 -0.71 17.30 6.56
C GLY A 355 -1.22 15.91 6.88
N VAL A 356 -0.39 14.88 6.73
CA VAL A 356 -0.92 13.54 7.00
C VAL A 356 -0.99 13.30 8.49
N LYS A 357 -0.14 13.96 9.28
CA LYS A 357 -0.20 13.79 10.72
C LYS A 357 -1.43 14.48 11.31
N LEU A 358 -1.90 15.56 10.67
CA LEU A 358 -3.11 16.24 11.11
C LEU A 358 -4.37 15.53 10.66
N SER A 359 -4.30 14.81 9.54
CA SER A 359 -5.46 14.11 9.02
C SER A 359 -5.72 12.83 9.78
N VAL A 360 -4.66 12.15 10.18
CA VAL A 360 -4.84 10.97 11.02
C VAL A 360 -4.24 11.26 12.37
N PRO A 361 -4.89 12.09 13.17
CA PRO A 361 -4.28 12.52 14.46
C PRO A 361 -4.23 11.45 15.52
N HIS A 362 -5.12 10.45 15.46
CA HIS A 362 -5.11 9.37 16.43
C HIS A 362 -4.10 8.26 16.09
N ALA A 363 -3.27 8.47 15.07
CA ALA A 363 -2.41 7.43 14.55
C ALA A 363 -1.01 7.54 15.14
N ASN A 364 -0.44 6.39 15.47
CA ASN A 364 0.94 6.31 15.92
C ASN A 364 1.90 6.26 14.74
N ASP A 365 3.18 6.10 15.07
CA ASP A 365 4.24 6.25 14.09
C ASP A 365 4.09 5.26 12.94
N LEU A 366 3.86 3.99 13.25
CA LEU A 366 3.67 3.00 12.21
C LEU A 366 2.43 3.30 11.36
N GLY A 367 1.37 3.83 11.98
CA GLY A 367 0.17 4.15 11.23
C GLY A 367 0.36 5.24 10.19
N LEU A 368 1.24 6.20 10.45
CA LEU A 368 1.42 7.27 9.47
C LEU A 368 2.25 6.79 8.28
N ASP A 369 3.32 6.05 8.56
CA ASP A 369 4.13 5.46 7.49
C ASP A 369 3.27 4.56 6.60
N ALA A 370 2.25 3.95 7.18
CA ALA A 370 1.27 3.23 6.39
C ALA A 370 0.49 4.17 5.47
N VAL A 371 -0.12 5.22 6.04
CA VAL A 371 -0.92 6.17 5.25
C VAL A 371 -0.07 6.78 4.13
N THR A 372 1.18 7.11 4.44
CA THR A 372 2.04 7.77 3.47
C THR A 372 2.37 6.86 2.30
N LEU A 373 2.89 5.67 2.60
CA LEU A 373 3.31 4.73 1.58
C LEU A 373 2.19 4.40 0.63
N GLN A 374 0.95 4.56 1.08
CA GLN A 374 -0.19 4.21 0.26
C GLN A 374 -0.69 5.37 -0.60
N TYR A 375 -0.29 6.61 -0.33
CA TYR A 375 -0.79 7.75 -1.10
C TYR A 375 0.29 8.49 -1.88
N THR A 376 1.51 7.95 -1.91
CA THR A 376 2.67 8.59 -2.51
C THR A 376 3.11 7.85 -3.77
N ASP A 377 3.41 8.60 -4.83
CA ASP A 377 4.17 8.04 -5.94
C ASP A 377 5.65 8.24 -5.64
N TRP A 378 6.34 7.16 -5.28
CA TRP A 378 7.75 7.26 -4.91
C TRP A 378 8.66 7.48 -6.10
N MET A 379 8.15 7.39 -7.33
CA MET A 379 8.90 7.86 -8.49
C MET A 379 8.87 9.38 -8.62
N ASP A 380 8.06 10.07 -7.81
CA ASP A 380 7.77 11.49 -7.98
C ASP A 380 7.30 12.12 -6.67
N ASP A 381 8.12 12.07 -5.61
CA ASP A 381 7.66 12.44 -4.27
C ASP A 381 7.82 13.92 -3.96
N ASN A 382 8.36 14.74 -4.86
CA ASN A 382 8.42 16.17 -4.64
C ASN A 382 7.58 16.92 -5.69
N ASN A 383 6.52 16.28 -6.16
CA ASN A 383 5.62 16.82 -7.19
C ASN A 383 4.45 17.47 -6.47
N GLY A 384 4.61 18.74 -6.09
CA GLY A 384 3.58 19.56 -5.47
C GLY A 384 2.13 19.20 -5.80
N ILE A 385 1.83 19.06 -7.10
CA ILE A 385 0.48 18.65 -7.50
C ILE A 385 0.12 17.30 -6.87
N LYS A 386 0.94 16.29 -7.15
CA LYS A 386 0.63 14.92 -6.71
C LYS A 386 0.60 14.78 -5.20
N ASN A 387 1.27 15.69 -4.47
CA ASN A 387 1.16 15.71 -3.02
C ASN A 387 -0.10 16.45 -2.57
N ARG A 388 -0.36 17.63 -3.14
CA ARG A 388 -1.59 18.36 -2.83
C ARG A 388 -2.80 17.49 -3.10
N ASP A 389 -2.87 16.95 -4.32
CA ASP A 389 -4.02 16.14 -4.68
C ASP A 389 -4.11 14.88 -3.82
N GLY A 390 -2.99 14.21 -3.61
CA GLY A 390 -2.99 13.05 -2.72
C GLY A 390 -3.51 13.35 -1.32
N LEU A 391 -3.24 14.54 -0.79
CA LEU A 391 -3.66 14.88 0.56
C LEU A 391 -5.15 15.19 0.62
N ASP A 392 -5.67 15.87 -0.40
CA ASP A 392 -7.12 16.01 -0.56
C ASP A 392 -7.80 14.65 -0.54
N ASP A 393 -7.14 13.64 -1.11
CA ASP A 393 -7.70 12.30 -1.16
C ASP A 393 -7.59 11.57 0.18
N ILE A 394 -6.48 11.78 0.90
CA ILE A 394 -6.38 11.22 2.25
C ILE A 394 -7.52 11.73 3.14
N VAL A 395 -7.65 13.06 3.25
CA VAL A 395 -8.66 13.66 4.14
C VAL A 395 -10.07 13.30 3.71
N GLY A 396 -10.33 13.31 2.40
CA GLY A 396 -11.62 12.89 1.89
C GLY A 396 -11.94 11.42 2.16
N ASP A 397 -10.98 10.53 1.94
CA ASP A 397 -11.28 9.12 2.05
C ASP A 397 -11.28 8.67 3.50
N HIS A 398 -10.40 9.27 4.28
CA HIS A 398 -10.36 8.90 5.69
C HIS A 398 -11.62 9.32 6.44
N ASN A 399 -12.24 10.44 6.07
CA ASN A 399 -13.25 11.07 6.91
C ASN A 399 -14.67 10.97 6.36
N VAL A 400 -14.83 10.90 5.04
CA VAL A 400 -16.14 10.87 4.44
C VAL A 400 -16.30 9.62 3.59
N ILE A 401 -15.48 9.48 2.55
CA ILE A 401 -15.77 8.50 1.51
C ILE A 401 -15.72 7.08 2.07
N CYS A 402 -14.67 6.73 2.77
CA CYS A 402 -14.60 5.35 3.20
C CYS A 402 -15.29 5.03 4.51
N PRO A 403 -15.68 6.00 5.33
CA PRO A 403 -16.73 5.67 6.34
C PRO A 403 -18.07 5.34 5.69
N LEU A 404 -18.44 6.08 4.65
CA LEU A 404 -19.73 5.86 4.01
C LEU A 404 -19.83 4.49 3.36
N MET A 405 -18.80 4.05 2.59
CA MET A 405 -18.86 2.72 1.97
C MET A 405 -18.95 1.62 3.00
N HIS A 406 -18.19 1.75 4.09
CA HIS A 406 -18.38 0.80 5.18
C HIS A 406 -19.84 0.76 5.64
N PHE A 407 -20.48 1.94 5.77
CA PHE A 407 -21.89 1.97 6.13
C PHE A 407 -22.76 1.35 5.05
N VAL A 408 -22.52 1.71 3.79
CA VAL A 408 -23.31 1.16 2.69
C VAL A 408 -23.29 -0.36 2.71
N ASN A 409 -22.08 -0.94 2.65
CA ASN A 409 -21.93 -2.38 2.62
C ASN A 409 -22.66 -3.05 3.79
N LYS A 410 -22.57 -2.49 5.00
CA LYS A 410 -23.14 -3.21 6.15
C LYS A 410 -24.65 -3.11 6.17
N TYR A 411 -25.17 -1.91 5.89
CA TYR A 411 -26.62 -1.68 5.82
C TYR A 411 -27.27 -2.56 4.74
N THR A 412 -26.62 -2.67 3.58
CA THR A 412 -27.22 -3.35 2.43
C THR A 412 -27.55 -4.81 2.67
N LYS A 413 -26.85 -5.47 3.62
CA LYS A 413 -27.16 -6.86 3.94
C LYS A 413 -28.58 -7.02 4.47
N PHE A 414 -29.10 -5.99 5.14
CA PHE A 414 -30.43 -6.06 5.74
C PHE A 414 -31.44 -5.10 5.13
N GLY A 415 -31.02 -3.91 4.68
CA GLY A 415 -31.91 -2.92 4.10
C GLY A 415 -32.67 -3.47 2.91
N ASN A 416 -33.66 -2.70 2.48
CA ASN A 416 -34.55 -3.10 1.38
C ASN A 416 -34.31 -2.26 0.13
N GLY A 417 -33.11 -1.69 -0.01
CA GLY A 417 -32.76 -0.94 -1.20
C GLY A 417 -31.72 0.13 -0.94
N THR A 418 -30.75 0.26 -1.83
CA THR A 418 -29.59 1.15 -1.65
C THR A 418 -29.25 1.74 -3.01
N TYR A 419 -29.20 3.07 -3.11
CA TYR A 419 -28.76 3.74 -4.34
C TYR A 419 -27.59 4.66 -4.04
N LEU A 420 -26.55 4.58 -4.86
CA LEU A 420 -25.24 5.11 -4.50
C LEU A 420 -24.68 6.01 -5.59
N TYR A 421 -24.34 7.26 -5.23
CA TYR A 421 -23.99 8.30 -6.18
C TYR A 421 -22.63 8.88 -5.84
N PHE A 422 -21.93 9.32 -6.87
CA PHE A 422 -20.64 9.98 -6.72
C PHE A 422 -20.72 11.30 -7.48
N PHE A 423 -20.86 12.40 -6.74
CA PHE A 423 -21.15 13.70 -7.34
C PHE A 423 -19.84 14.39 -7.71
N ASN A 424 -19.58 14.54 -9.00
CA ASN A 424 -18.30 15.04 -9.48
C ASN A 424 -18.54 16.05 -10.60
N HIS A 425 -19.43 17.00 -10.35
CA HIS A 425 -19.56 18.17 -11.19
C HIS A 425 -19.18 19.39 -10.37
N ARG A 426 -18.20 20.15 -10.86
CA ARG A 426 -17.77 21.37 -10.18
C ARG A 426 -18.55 22.53 -10.76
N ALA A 427 -19.38 23.17 -9.92
CA ALA A 427 -20.30 24.20 -10.39
C ALA A 427 -19.55 25.26 -11.19
N SER A 428 -20.12 25.65 -12.33
CA SER A 428 -19.40 26.51 -13.26
C SER A 428 -19.35 27.96 -12.80
N ASN A 429 -20.11 28.30 -11.76
CA ASN A 429 -20.10 29.62 -11.14
C ASN A 429 -19.45 29.59 -9.77
N LEU A 430 -18.63 28.57 -9.49
CA LEU A 430 -18.00 28.41 -8.17
C LEU A 430 -16.92 29.45 -7.94
N VAL A 431 -16.90 30.00 -6.72
CA VAL A 431 -16.04 31.13 -6.39
C VAL A 431 -14.76 30.69 -5.71
N TRP A 432 -14.60 29.41 -5.44
CA TRP A 432 -13.37 28.87 -4.87
C TRP A 432 -12.39 28.48 -5.97
N PRO A 433 -11.11 28.33 -5.63
CA PRO A 433 -10.13 27.90 -6.62
C PRO A 433 -10.43 26.49 -7.12
N GLU A 434 -9.87 26.18 -8.29
CA GLU A 434 -10.20 24.90 -8.92
C GLU A 434 -9.41 23.74 -8.33
N TRP A 435 -8.27 24.00 -7.67
CA TRP A 435 -7.53 22.91 -7.05
C TRP A 435 -8.38 22.22 -6.00
N MET A 436 -9.37 22.91 -5.44
CA MET A 436 -10.28 22.32 -4.49
C MET A 436 -11.34 21.41 -5.13
N GLY A 437 -11.46 21.41 -6.45
CA GLY A 437 -12.37 20.51 -7.16
C GLY A 437 -13.81 20.63 -6.72
N VAL A 438 -14.48 19.49 -6.63
CA VAL A 438 -15.87 19.48 -6.18
C VAL A 438 -15.91 19.62 -4.67
N ILE A 439 -16.02 20.86 -4.19
CA ILE A 439 -16.15 21.13 -2.76
C ILE A 439 -17.31 20.33 -2.17
N HIS A 440 -17.09 19.77 -0.98
CA HIS A 440 -18.19 19.14 -0.28
C HIS A 440 -19.21 20.22 0.11
N GLY A 441 -20.47 19.92 -0.12
CA GLY A 441 -21.54 20.85 0.09
C GLY A 441 -22.04 21.54 -1.17
N TYR A 442 -21.27 21.53 -2.25
CA TYR A 442 -21.72 22.24 -3.42
C TYR A 442 -22.51 21.34 -4.36
N GLU A 443 -22.86 20.15 -3.88
CA GLU A 443 -23.98 19.43 -4.47
C GLU A 443 -25.30 20.07 -4.03
N ILE A 444 -25.30 20.73 -2.89
CA ILE A 444 -26.55 21.17 -2.27
C ILE A 444 -27.27 22.17 -3.15
N GLU A 445 -26.54 23.09 -3.79
CA GLU A 445 -27.18 24.00 -4.73
C GLU A 445 -28.07 23.23 -5.72
N PHE A 446 -27.62 22.04 -6.13
CA PHE A 446 -28.35 21.28 -7.13
C PHE A 446 -29.54 20.52 -6.51
N VAL A 447 -29.45 20.11 -5.24
CA VAL A 447 -30.56 19.40 -4.62
C VAL A 447 -31.73 20.35 -4.35
N PHE A 448 -31.45 21.58 -3.93
CA PHE A 448 -32.47 22.60 -3.71
C PHE A 448 -32.81 23.39 -4.98
N GLY A 449 -32.22 23.05 -6.10
CA GLY A 449 -32.71 23.56 -7.36
C GLY A 449 -32.34 24.98 -7.66
N LEU A 450 -31.27 25.50 -7.05
CA LEU A 450 -30.85 26.87 -7.33
C LEU A 450 -30.49 27.13 -8.80
N PRO A 451 -29.97 26.20 -9.57
CA PRO A 451 -29.79 26.48 -11.01
C PRO A 451 -31.09 26.78 -11.76
N LEU A 452 -32.26 26.67 -11.12
CA LEU A 452 -33.54 26.95 -11.79
C LEU A 452 -33.85 28.43 -11.91
N VAL A 453 -33.11 29.28 -11.22
CA VAL A 453 -33.27 30.71 -11.29
C VAL A 453 -32.13 31.26 -12.16
N LYS A 454 -32.47 32.10 -13.13
CA LYS A 454 -31.49 32.49 -14.12
C LYS A 454 -30.63 33.67 -13.69
N GLU A 455 -31.02 34.40 -12.64
CA GLU A 455 -30.18 35.49 -12.16
C GLU A 455 -28.93 34.96 -11.46
N LEU A 456 -29.02 33.76 -10.82
CA LEU A 456 -27.75 33.28 -10.22
C LEU A 456 -26.78 32.75 -11.25
N ASN A 457 -27.01 32.98 -12.55
CA ASN A 457 -25.97 32.88 -13.57
C ASN A 457 -25.38 31.47 -13.63
N TYR A 458 -26.25 30.47 -13.45
CA TYR A 458 -25.86 29.08 -13.65
C TYR A 458 -25.93 28.72 -15.12
N THR A 459 -25.46 27.53 -15.41
CA THR A 459 -25.37 27.02 -16.76
C THR A 459 -26.61 26.22 -17.11
N ALA A 460 -27.08 26.37 -18.36
CA ALA A 460 -28.32 25.71 -18.77
C ALA A 460 -28.27 24.20 -18.57
N GLU A 461 -27.08 23.58 -18.69
CA GLU A 461 -26.90 22.16 -18.38
C GLU A 461 -26.86 21.89 -16.89
N GLU A 462 -26.47 22.88 -16.08
CA GLU A 462 -26.55 22.71 -14.65
C GLU A 462 -27.98 22.82 -14.15
N GLU A 463 -28.84 23.54 -14.89
CA GLU A 463 -30.26 23.52 -14.58
C GLU A 463 -30.85 22.13 -14.83
N ALA A 464 -30.54 21.53 -15.98
CA ALA A 464 -31.02 20.18 -16.27
C ALA A 464 -30.46 19.17 -15.27
N LEU A 465 -29.28 19.40 -14.73
CA LEU A 465 -28.77 18.49 -13.72
C LEU A 465 -29.55 18.64 -12.43
N SER A 466 -29.97 19.87 -12.11
CA SER A 466 -30.66 20.10 -10.84
C SER A 466 -32.09 19.57 -10.90
N ARG A 467 -32.74 19.69 -12.04
CA ARG A 467 -34.05 19.06 -12.20
C ARG A 467 -33.94 17.54 -12.19
N ARG A 468 -32.94 17.00 -12.88
CA ARG A 468 -32.66 15.56 -12.83
C ARG A 468 -32.43 15.10 -11.39
N ILE A 469 -31.64 15.85 -10.62
CA ILE A 469 -31.33 15.46 -9.24
C ILE A 469 -32.56 15.59 -8.35
N MET A 470 -33.17 16.78 -8.34
CA MET A 470 -34.37 16.99 -7.52
C MET A 470 -35.39 15.90 -7.76
N HIS A 471 -35.53 15.49 -9.01
CA HIS A 471 -36.48 14.45 -9.32
C HIS A 471 -36.03 13.10 -8.77
N TYR A 472 -34.73 12.77 -8.88
CA TYR A 472 -34.22 11.56 -8.24
C TYR A 472 -34.53 11.58 -6.75
N TRP A 473 -34.25 12.72 -6.11
CA TRP A 473 -34.46 12.80 -4.68
C TRP A 473 -35.93 12.67 -4.37
N ALA A 474 -36.79 13.28 -5.19
CA ALA A 474 -38.20 13.34 -4.88
C ALA A 474 -38.91 12.00 -5.14
N THR A 475 -38.74 11.40 -6.32
CA THR A 475 -39.38 10.09 -6.49
C THR A 475 -38.71 9.03 -5.62
N PHE A 476 -37.47 9.26 -5.19
CA PHE A 476 -36.95 8.39 -4.16
C PHE A 476 -37.82 8.49 -2.92
N ALA A 477 -38.08 9.74 -2.49
CA ALA A 477 -38.92 10.01 -1.33
C ALA A 477 -40.29 9.36 -1.49
N LYS A 478 -40.92 9.52 -2.64
CA LYS A 478 -42.27 8.99 -2.84
C LYS A 478 -42.27 7.46 -2.89
N THR A 479 -41.45 6.85 -3.74
CA THR A 479 -41.55 5.43 -4.08
C THR A 479 -40.41 4.55 -3.56
N GLY A 480 -39.35 5.11 -2.98
CA GLY A 480 -38.20 4.33 -2.57
C GLY A 480 -37.26 3.91 -3.67
N ASN A 481 -37.41 4.49 -4.86
CA ASN A 481 -36.58 4.24 -6.03
C ASN A 481 -36.53 5.54 -6.82
N PRO A 482 -35.34 6.12 -7.04
CA PRO A 482 -35.25 7.41 -7.73
C PRO A 482 -35.53 7.34 -9.21
N ASN A 483 -35.90 6.18 -9.75
CA ASN A 483 -36.30 6.05 -11.14
C ASN A 483 -37.81 6.06 -11.19
N GLU A 484 -38.37 6.63 -12.28
CA GLU A 484 -39.80 6.50 -12.51
C GLU A 484 -40.08 5.20 -13.26
N PRO A 485 -41.07 4.40 -12.80
CA PRO A 485 -41.33 3.09 -13.43
C PRO A 485 -41.60 3.20 -14.92
N HIS A 486 -42.00 4.38 -15.39
CA HIS A 486 -42.02 4.68 -16.82
C HIS A 486 -40.63 4.44 -17.37
N SER A 487 -40.32 3.18 -17.70
CA SER A 487 -38.99 2.78 -18.11
C SER A 487 -38.50 3.59 -19.31
N GLN A 488 -37.82 4.71 -19.04
CA GLN A 488 -37.50 5.68 -20.08
C GLN A 488 -36.00 5.97 -20.15
N GLU A 489 -35.45 6.71 -19.20
CA GLU A 489 -34.09 7.20 -19.31
C GLU A 489 -33.10 6.16 -18.79
N SER A 490 -31.85 6.60 -18.64
CA SER A 490 -30.87 5.83 -17.90
C SER A 490 -31.42 5.47 -16.53
N LYS A 491 -31.42 4.17 -16.23
CA LYS A 491 -31.83 3.74 -14.90
C LYS A 491 -30.65 3.72 -13.95
N TRP A 492 -30.90 4.22 -12.74
CA TRP A 492 -29.94 4.22 -11.67
C TRP A 492 -29.97 2.86 -10.97
N PRO A 493 -28.93 2.04 -11.15
CA PRO A 493 -28.99 0.66 -10.66
C PRO A 493 -29.06 0.60 -9.14
N LEU A 494 -29.68 -0.47 -8.66
CA LEU A 494 -29.57 -0.81 -7.25
C LEU A 494 -28.13 -1.18 -6.91
N PHE A 495 -27.63 -0.59 -5.84
CA PHE A 495 -26.41 -1.09 -5.25
C PHE A 495 -26.73 -2.40 -4.55
N THR A 496 -26.09 -3.48 -4.99
CA THR A 496 -26.28 -4.81 -4.43
C THR A 496 -24.96 -5.28 -3.84
N THR A 497 -25.06 -6.00 -2.71
CA THR A 497 -23.86 -6.46 -1.99
C THR A 497 -22.81 -7.10 -2.91
N LYS A 498 -23.24 -7.83 -3.94
CA LYS A 498 -22.27 -8.44 -4.84
C LYS A 498 -21.72 -7.44 -5.85
N GLU A 499 -22.56 -6.94 -6.77
CA GLU A 499 -22.08 -6.15 -7.91
C GLU A 499 -21.67 -4.72 -7.54
N GLN A 500 -22.29 -4.12 -6.52
CA GLN A 500 -21.83 -2.84 -5.97
C GLN A 500 -21.84 -1.70 -7.00
N LYS A 501 -22.89 -1.63 -7.80
CA LYS A 501 -22.97 -0.57 -8.79
C LYS A 501 -23.29 0.78 -8.12
N PHE A 502 -22.79 1.85 -8.73
CA PHE A 502 -23.11 3.22 -8.33
C PHE A 502 -23.03 4.10 -9.58
N ILE A 503 -23.42 5.37 -9.45
CA ILE A 503 -23.50 6.24 -10.63
C ILE A 503 -22.77 7.57 -10.43
N ASP A 504 -22.37 8.15 -11.56
CA ASP A 504 -22.01 9.56 -11.65
C ASP A 504 -23.25 10.43 -11.73
N LEU A 505 -23.16 11.63 -11.14
CA LEU A 505 -24.09 12.71 -11.40
C LEU A 505 -23.30 13.89 -11.95
N ASN A 506 -23.48 14.20 -13.22
CA ASN A 506 -22.87 15.38 -13.82
C ASN A 506 -23.67 15.70 -15.07
N THR A 507 -23.21 16.69 -15.83
CA THR A 507 -23.93 17.08 -17.03
C THR A 507 -23.75 16.06 -18.14
N GLU A 508 -22.63 15.33 -18.11
CA GLU A 508 -22.46 14.25 -19.07
C GLU A 508 -23.54 13.20 -18.84
N PRO A 509 -24.04 12.58 -19.91
CA PRO A 509 -25.02 11.49 -19.74
C PRO A 509 -24.50 10.40 -18.81
N MET A 510 -25.42 9.90 -17.97
CA MET A 510 -25.08 9.11 -16.78
C MET A 510 -24.52 7.72 -17.11
N LYS A 511 -23.46 7.34 -16.39
CA LYS A 511 -22.78 6.07 -16.53
C LYS A 511 -22.80 5.32 -15.19
N VAL A 512 -22.50 4.03 -15.24
CA VAL A 512 -22.53 3.16 -14.07
C VAL A 512 -21.11 2.64 -13.82
N HIS A 513 -20.69 2.71 -12.56
CA HIS A 513 -19.41 2.19 -12.11
C HIS A 513 -19.64 1.23 -10.95
N GLN A 514 -18.56 0.55 -10.54
CA GLN A 514 -18.62 -0.45 -9.50
C GLN A 514 -17.47 -0.23 -8.53
N ARG A 515 -17.68 -0.68 -7.29
CA ARG A 515 -16.68 -0.65 -6.23
C ARG A 515 -16.02 0.71 -6.10
N LEU A 516 -16.84 1.68 -5.70
CA LEU A 516 -16.37 3.04 -5.51
C LEU A 516 -15.18 3.07 -4.54
N ARG A 517 -14.02 3.53 -5.06
CA ARG A 517 -12.75 3.67 -4.33
C ARG A 517 -12.43 2.45 -3.48
N VAL A 518 -12.51 1.27 -4.09
CA VAL A 518 -12.41 0.05 -3.30
C VAL A 518 -11.01 -0.10 -2.74
N GLN A 519 -9.97 0.13 -3.56
CA GLN A 519 -8.60 -0.16 -3.15
C GLN A 519 -8.20 0.69 -1.94
N MET A 520 -8.64 1.95 -1.90
CA MET A 520 -8.31 2.80 -0.77
C MET A 520 -9.16 2.49 0.45
N CYS A 521 -10.41 2.08 0.27
CA CYS A 521 -11.24 1.86 1.44
C CYS A 521 -10.85 0.59 2.17
N VAL A 522 -10.29 -0.39 1.45
CA VAL A 522 -9.76 -1.60 2.08
C VAL A 522 -8.61 -1.23 3.02
N PHE A 523 -7.80 -0.27 2.61
CA PHE A 523 -6.79 0.30 3.51
C PHE A 523 -7.43 1.02 4.69
N TRP A 524 -8.51 1.79 4.45
CA TRP A 524 -9.08 2.65 5.48
C TRP A 524 -10.11 1.94 6.37
N ASN A 525 -10.83 0.95 5.85
CA ASN A 525 -11.81 0.23 6.67
C ASN A 525 -11.28 -1.06 7.25
N GLN A 526 -10.33 -1.71 6.60
CA GLN A 526 -9.95 -3.06 6.99
C GLN A 526 -8.48 -3.22 7.33
N PHE A 527 -7.60 -2.36 6.85
CA PHE A 527 -6.18 -2.54 7.12
C PHE A 527 -5.68 -1.70 8.29
N LEU A 528 -5.80 -0.36 8.19
CA LEU A 528 -5.27 0.50 9.25
C LEU A 528 -5.93 0.25 10.59
N PRO A 529 -7.26 0.07 10.69
CA PRO A 529 -7.85 -0.28 11.99
C PRO A 529 -7.22 -1.51 12.62
N LYS A 530 -7.00 -2.55 11.82
CA LYS A 530 -6.29 -3.72 12.33
C LYS A 530 -4.83 -3.40 12.65
N LEU A 531 -4.24 -2.39 12.00
CA LEU A 531 -2.87 -2.03 12.35
C LEU A 531 -2.81 -1.53 13.79
N LEU A 532 -3.65 -0.55 14.14
CA LEU A 532 -3.57 0.15 15.42
C LEU A 532 -4.20 -0.63 16.57
N ASN A 533 -5.22 -1.44 16.32
CA ASN A 533 -5.64 -2.39 17.36
C ASN A 533 -4.48 -3.31 17.75
N ALA A 534 -3.51 -3.51 16.86
CA ALA A 534 -2.35 -4.33 17.12
C ALA A 534 -1.08 -3.53 17.46
N THR A 535 -1.02 -2.23 17.21
CA THR A 535 0.14 -1.40 17.60
C THR A 535 -0.32 -0.08 18.23
N SER B 4 55.78 -24.44 -25.78
CA SER B 4 54.42 -24.98 -25.64
C SER B 4 53.56 -24.14 -24.71
N GLU B 5 52.51 -23.55 -25.26
CA GLU B 5 51.63 -22.70 -24.48
C GLU B 5 50.59 -23.48 -23.68
N LEU B 6 50.47 -24.79 -23.90
CA LEU B 6 49.55 -25.60 -23.11
C LEU B 6 50.22 -26.24 -21.89
N LEU B 7 51.51 -26.06 -21.70
CA LEU B 7 52.16 -26.47 -20.45
C LEU B 7 52.54 -25.21 -19.69
N VAL B 8 52.14 -25.15 -18.42
CA VAL B 8 52.25 -23.98 -17.57
C VAL B 8 52.61 -24.45 -16.17
N ASN B 9 53.73 -23.98 -15.63
CA ASN B 9 54.20 -24.47 -14.33
C ASN B 9 53.71 -23.53 -13.24
N THR B 10 52.82 -24.03 -12.39
CA THR B 10 52.16 -23.29 -11.32
C THR B 10 52.85 -23.53 -9.97
N LYS B 11 52.44 -22.75 -8.95
CA LYS B 11 53.14 -22.79 -7.67
C LYS B 11 53.04 -24.16 -7.02
N SER B 12 52.13 -25.02 -7.49
CA SER B 12 51.98 -26.37 -6.95
C SER B 12 52.51 -27.49 -7.86
N GLY B 13 52.56 -27.28 -9.18
CA GLY B 13 53.05 -28.30 -10.09
C GLY B 13 52.78 -27.88 -11.52
N LYS B 14 53.23 -28.71 -12.44
CA LYS B 14 53.02 -28.43 -13.86
C LYS B 14 51.66 -28.93 -14.33
N VAL B 15 51.08 -28.20 -15.29
CA VAL B 15 49.73 -28.40 -15.80
C VAL B 15 49.79 -28.46 -17.32
N MET B 16 48.97 -29.33 -17.94
CA MET B 16 48.82 -29.28 -19.39
C MET B 16 47.35 -29.27 -19.79
N GLY B 17 46.95 -28.24 -20.54
CA GLY B 17 45.60 -28.12 -21.06
C GLY B 17 45.37 -28.75 -22.43
N THR B 18 44.58 -28.07 -23.26
CA THR B 18 44.07 -28.67 -24.49
C THR B 18 43.62 -27.53 -25.40
N ARG B 19 43.81 -27.74 -26.71
CA ARG B 19 43.37 -26.77 -27.71
C ARG B 19 41.88 -26.97 -27.98
N VAL B 20 41.07 -26.01 -27.57
CA VAL B 20 39.62 -26.05 -27.77
C VAL B 20 39.25 -25.18 -28.97
N PRO B 21 38.35 -25.65 -29.84
CA PRO B 21 37.83 -24.76 -30.88
C PRO B 21 36.72 -23.84 -30.41
N VAL B 22 36.66 -22.66 -31.03
CA VAL B 22 35.67 -21.63 -30.73
C VAL B 22 35.47 -20.72 -31.93
N LEU B 23 34.31 -20.85 -32.59
CA LEU B 23 33.90 -19.99 -33.70
C LEU B 23 34.92 -19.97 -34.84
N SER B 24 35.24 -21.17 -35.33
CA SER B 24 36.15 -21.37 -36.46
C SER B 24 37.60 -21.05 -36.09
N SER B 25 37.82 -20.55 -34.88
CA SER B 25 39.14 -20.39 -34.29
C SER B 25 39.25 -21.31 -33.09
N HIS B 26 40.46 -21.37 -32.51
CA HIS B 26 40.72 -22.16 -31.31
C HIS B 26 41.29 -21.26 -30.22
N ILE B 27 41.07 -21.65 -28.96
CA ILE B 27 41.78 -21.08 -27.81
C ILE B 27 42.04 -22.18 -26.78
N SER B 28 43.01 -21.91 -25.89
CA SER B 28 43.49 -22.85 -24.88
C SER B 28 42.50 -22.99 -23.72
N ALA B 29 42.56 -24.16 -23.07
CA ALA B 29 41.68 -24.46 -21.94
C ALA B 29 42.40 -25.38 -20.97
N PHE B 30 42.41 -25.01 -19.71
CA PHE B 30 43.01 -25.81 -18.64
C PHE B 30 41.89 -26.12 -17.66
N LEU B 31 41.41 -27.35 -17.68
CA LEU B 31 40.21 -27.73 -16.95
C LEU B 31 40.52 -28.78 -15.89
N GLY B 32 39.87 -28.64 -14.74
CA GLY B 32 40.07 -29.57 -13.64
C GLY B 32 41.32 -29.32 -12.85
N ILE B 33 41.80 -28.09 -12.78
CA ILE B 33 42.99 -27.77 -11.99
C ILE B 33 42.59 -27.72 -10.51
N PRO B 34 43.30 -28.41 -9.62
CA PRO B 34 42.91 -28.42 -8.20
C PRO B 34 43.56 -27.32 -7.42
N PHE B 35 42.78 -26.71 -6.53
CA PHE B 35 43.25 -25.59 -5.72
C PHE B 35 43.18 -25.83 -4.22
N ALA B 36 42.43 -26.82 -3.77
CA ALA B 36 42.51 -27.26 -2.39
C ALA B 36 42.78 -28.77 -2.36
N GLU B 37 43.44 -29.20 -1.29
CA GLU B 37 43.51 -30.61 -0.98
C GLU B 37 42.10 -31.18 -0.85
N PRO B 38 41.79 -32.31 -1.48
CA PRO B 38 40.42 -32.85 -1.44
C PRO B 38 39.94 -33.02 -0.01
N PRO B 39 38.61 -32.57 0.29
CA PRO B 39 38.03 -32.68 1.65
C PRO B 39 37.31 -34.01 1.92
N VAL B 40 38.08 -35.14 1.87
CA VAL B 40 37.52 -36.48 2.09
C VAL B 40 37.67 -36.84 3.57
N GLY B 41 36.69 -37.58 4.10
CA GLY B 41 36.85 -38.20 5.42
C GLY B 41 36.73 -37.19 6.54
N ASN B 42 37.69 -37.27 7.48
CA ASN B 42 37.78 -36.29 8.56
C ASN B 42 37.81 -34.85 8.05
N MET B 43 38.31 -34.64 6.82
CA MET B 43 38.38 -33.29 6.22
C MET B 43 36.99 -32.73 5.95
N ARG B 44 35.98 -33.58 5.81
CA ARG B 44 34.62 -33.13 5.56
C ARG B 44 34.15 -32.15 6.63
N PHE B 45 33.69 -30.96 6.20
CA PHE B 45 33.09 -29.85 6.95
C PHE B 45 34.12 -28.83 7.36
N ARG B 46 35.40 -29.09 7.14
CA ARG B 46 36.51 -28.29 7.65
C ARG B 46 36.85 -27.16 6.70
N ARG B 47 37.66 -26.24 7.18
CA ARG B 47 38.13 -25.19 6.30
C ARG B 47 39.01 -25.79 5.22
N PRO B 48 39.02 -25.19 4.03
CA PRO B 48 39.84 -25.76 2.96
C PRO B 48 41.31 -25.59 3.32
N GLU B 49 42.12 -26.58 2.96
CA GLU B 49 43.57 -26.62 3.03
C GLU B 49 44.13 -26.50 1.62
N PRO B 50 45.15 -25.69 1.39
CA PRO B 50 45.67 -25.55 0.01
C PRO B 50 46.33 -26.83 -0.48
N LYS B 51 46.23 -27.05 -1.78
CA LYS B 51 46.66 -28.32 -2.36
C LYS B 51 48.17 -28.53 -2.20
N LYS B 52 48.53 -29.61 -1.53
CA LYS B 52 49.94 -30.00 -1.43
C LYS B 52 50.51 -30.22 -2.84
N PRO B 53 51.68 -29.66 -3.14
CA PRO B 53 52.20 -29.72 -4.51
C PRO B 53 52.42 -31.15 -4.99
N TRP B 54 52.26 -31.32 -6.30
CA TRP B 54 52.35 -32.62 -6.94
C TRP B 54 53.48 -32.65 -7.97
N SER B 55 54.04 -33.84 -8.14
CA SER B 55 55.08 -34.11 -9.14
C SER B 55 54.46 -34.51 -10.49
N GLY B 56 55.22 -34.29 -11.55
CA GLY B 56 54.79 -34.65 -12.88
C GLY B 56 53.93 -33.60 -13.57
N VAL B 57 53.21 -34.07 -14.56
CA VAL B 57 52.28 -33.24 -15.34
C VAL B 57 50.86 -33.66 -15.02
N TRP B 58 50.07 -32.70 -14.57
CA TRP B 58 48.67 -32.94 -14.29
C TRP B 58 47.87 -32.86 -15.58
N ASN B 59 47.35 -34.00 -16.06
CA ASN B 59 46.47 -33.99 -17.24
C ASN B 59 45.27 -33.09 -16.95
N ALA B 60 45.28 -31.87 -17.46
CA ALA B 60 44.21 -30.92 -17.18
C ALA B 60 43.34 -30.69 -18.42
N SER B 61 42.90 -31.76 -19.08
CA SER B 61 42.21 -31.66 -20.37
C SER B 61 40.75 -32.07 -20.33
N THR B 62 40.22 -32.45 -19.18
CA THR B 62 38.82 -32.78 -19.02
C THR B 62 38.20 -31.90 -17.94
N TYR B 63 36.88 -31.91 -17.88
CA TYR B 63 36.18 -31.27 -16.78
C TYR B 63 36.39 -32.08 -15.50
N PRO B 64 36.46 -31.42 -14.37
CA PRO B 64 36.57 -32.18 -13.12
C PRO B 64 35.21 -32.69 -12.66
N ASN B 65 35.16 -33.32 -11.49
CA ASN B 65 33.89 -33.76 -10.93
C ASN B 65 33.05 -32.58 -10.41
N ASN B 66 31.79 -32.86 -10.12
CA ASN B 66 30.91 -31.93 -9.44
C ASN B 66 30.79 -32.32 -7.97
N CYS B 67 30.29 -31.39 -7.15
CA CYS B 67 30.20 -31.62 -5.72
C CYS B 67 28.89 -32.33 -5.37
N GLN B 68 28.93 -33.13 -4.31
CA GLN B 68 27.72 -33.83 -3.87
C GLN B 68 26.62 -32.82 -3.55
N GLN B 69 25.47 -33.01 -4.20
CA GLN B 69 24.39 -32.04 -4.14
C GLN B 69 23.11 -32.72 -4.57
N TYR B 70 22.00 -32.17 -4.10
CA TYR B 70 20.69 -32.54 -4.60
C TYR B 70 20.67 -32.51 -6.13
N VAL B 71 19.83 -33.36 -6.72
CA VAL B 71 19.70 -33.45 -8.17
C VAL B 71 18.23 -33.26 -8.52
N ASP B 72 17.93 -32.20 -9.27
CA ASP B 72 16.56 -31.89 -9.61
C ASP B 72 15.96 -32.96 -10.52
N GLU B 73 14.84 -33.55 -10.10
CA GLU B 73 14.12 -34.48 -10.96
C GLU B 73 12.64 -34.18 -11.00
N GLN B 74 12.27 -32.91 -10.89
CA GLN B 74 10.87 -32.55 -11.07
C GLN B 74 10.43 -32.82 -12.51
N PHE B 75 11.31 -32.58 -13.47
CA PHE B 75 10.97 -32.70 -14.89
C PHE B 75 11.97 -33.60 -15.58
N PRO B 76 11.88 -34.92 -15.35
CA PRO B 76 12.84 -35.88 -15.96
C PRO B 76 13.06 -35.72 -17.46
N GLY B 77 14.29 -35.46 -17.85
CA GLY B 77 14.62 -35.39 -19.28
C GLY B 77 14.14 -34.14 -19.96
N PHE B 78 13.91 -33.07 -19.22
CA PHE B 78 13.44 -31.81 -19.76
C PHE B 78 14.63 -30.87 -19.86
N SER B 79 14.97 -30.44 -21.08
CA SER B 79 16.22 -29.72 -21.29
C SER B 79 16.29 -28.46 -20.42
N GLY B 80 15.16 -27.80 -20.19
CA GLY B 80 15.18 -26.58 -19.39
C GLY B 80 15.64 -26.77 -17.96
N SER B 81 15.59 -28.00 -17.44
CA SER B 81 15.92 -28.23 -16.04
C SER B 81 17.18 -29.05 -15.88
N GLU B 82 17.41 -30.00 -16.79
CA GLU B 82 18.64 -30.77 -16.78
C GLU B 82 19.86 -29.89 -16.98
N MET B 83 19.70 -28.81 -17.75
CA MET B 83 20.83 -27.95 -18.08
C MET B 83 21.54 -27.41 -16.83
N TRP B 84 20.85 -27.32 -15.69
CA TRP B 84 21.52 -26.89 -14.46
C TRP B 84 21.93 -28.02 -13.55
N ASN B 85 21.72 -29.27 -13.94
CA ASN B 85 22.11 -30.40 -13.13
C ASN B 85 23.55 -30.82 -13.41
N PRO B 86 24.19 -31.52 -12.45
CA PRO B 86 25.53 -32.07 -12.67
C PRO B 86 25.68 -32.90 -13.94
N ASN B 87 26.70 -32.56 -14.73
CA ASN B 87 26.98 -33.24 -16.00
C ASN B 87 28.29 -34.03 -15.99
N ARG B 88 29.04 -33.95 -14.91
CA ARG B 88 30.12 -34.89 -14.65
C ARG B 88 29.68 -35.76 -13.48
N GLU B 89 30.55 -36.65 -13.04
CA GLU B 89 30.17 -37.42 -11.87
C GLU B 89 30.25 -36.53 -10.63
N MET B 90 29.53 -36.91 -9.58
CA MET B 90 29.64 -36.25 -8.29
C MET B 90 30.69 -36.94 -7.41
N SER B 91 31.38 -36.13 -6.61
CA SER B 91 32.43 -36.55 -5.70
C SER B 91 32.62 -35.44 -4.66
N GLU B 92 33.13 -35.81 -3.48
CA GLU B 92 33.54 -34.77 -2.55
C GLU B 92 34.92 -34.21 -2.89
N ASP B 93 35.65 -34.91 -3.77
CA ASP B 93 36.91 -34.40 -4.31
C ASP B 93 36.54 -33.55 -5.52
N CYS B 94 36.08 -32.33 -5.23
CA CYS B 94 35.44 -31.51 -6.24
C CYS B 94 35.97 -30.09 -6.34
N LEU B 95 37.00 -29.73 -5.56
CA LEU B 95 37.48 -28.36 -5.50
C LEU B 95 38.50 -28.14 -6.60
N TYR B 96 38.02 -27.72 -7.76
CA TYR B 96 38.83 -27.51 -8.95
C TYR B 96 38.37 -26.25 -9.66
N LEU B 97 39.25 -25.67 -10.46
CA LEU B 97 38.92 -24.50 -11.24
C LEU B 97 39.38 -24.67 -12.67
N ASN B 98 38.68 -24.00 -13.57
CA ASN B 98 38.92 -24.07 -15.00
C ASN B 98 39.44 -22.73 -15.48
N ILE B 99 40.17 -22.73 -16.59
CA ILE B 99 40.74 -21.50 -17.09
C ILE B 99 40.69 -21.52 -18.62
N TRP B 100 40.17 -20.44 -19.20
CA TRP B 100 40.17 -20.25 -20.65
C TRP B 100 41.08 -19.07 -20.97
N VAL B 101 42.22 -19.36 -21.60
CA VAL B 101 43.21 -18.38 -21.99
C VAL B 101 43.04 -18.14 -23.48
N PRO B 102 43.07 -16.90 -23.95
CA PRO B 102 43.13 -16.69 -25.42
C PRO B 102 44.40 -17.30 -26.03
N SER B 103 44.46 -17.30 -27.35
CA SER B 103 45.74 -17.66 -27.98
C SER B 103 45.96 -16.93 -29.32
N PRO B 104 47.15 -16.30 -29.49
CA PRO B 104 48.29 -16.40 -28.57
C PRO B 104 48.09 -15.84 -27.14
N ARG B 105 48.85 -16.40 -26.21
CA ARG B 105 48.59 -16.13 -24.79
C ARG B 105 48.90 -14.68 -24.46
N PRO B 106 47.98 -13.96 -23.85
CA PRO B 106 48.22 -12.55 -23.54
C PRO B 106 49.33 -12.39 -22.50
N LYS B 107 49.97 -11.22 -22.51
CA LYS B 107 51.10 -11.06 -21.61
C LYS B 107 50.64 -10.71 -20.20
N SER B 108 49.61 -9.88 -20.10
CA SER B 108 49.06 -9.54 -18.78
C SER B 108 47.72 -8.87 -18.96
N THR B 109 46.64 -9.66 -18.90
CA THR B 109 45.32 -9.23 -19.31
C THR B 109 44.34 -9.42 -18.17
N THR B 110 43.20 -8.74 -18.29
CA THR B 110 42.07 -8.85 -17.37
C THR B 110 41.64 -10.29 -17.10
N VAL B 111 41.18 -10.53 -15.89
CA VAL B 111 40.73 -11.84 -15.43
C VAL B 111 39.32 -11.71 -14.85
N MET B 112 38.39 -12.54 -15.36
CA MET B 112 37.05 -12.69 -14.79
C MET B 112 36.91 -14.06 -14.17
N VAL B 113 36.50 -14.09 -12.91
CA VAL B 113 36.25 -15.31 -12.18
C VAL B 113 34.75 -15.48 -11.99
N TRP B 114 34.21 -16.57 -12.53
CA TRP B 114 32.79 -16.89 -12.36
C TRP B 114 32.52 -17.78 -11.15
N ILE B 115 31.46 -17.45 -10.44
CA ILE B 115 31.01 -18.17 -9.25
C ILE B 115 29.57 -18.58 -9.49
N TYR B 116 29.32 -19.88 -9.52
CA TYR B 116 27.97 -20.32 -9.90
C TYR B 116 26.99 -20.14 -8.74
N GLY B 117 25.72 -19.99 -9.10
CA GLY B 117 24.63 -20.13 -8.16
C GLY B 117 24.07 -21.55 -8.16
N GLY B 118 22.92 -21.68 -7.52
CA GLY B 118 22.32 -22.98 -7.28
C GLY B 118 21.81 -23.06 -5.86
N GLY B 119 21.68 -21.89 -5.21
CA GLY B 119 21.08 -21.77 -3.89
C GLY B 119 21.94 -22.23 -2.74
N PHE B 120 23.27 -22.28 -2.91
CA PHE B 120 24.22 -22.85 -1.94
C PHE B 120 23.93 -24.31 -1.62
N TYR B 121 22.93 -24.92 -2.29
CA TYR B 121 22.66 -26.34 -2.21
C TYR B 121 23.06 -27.08 -3.48
N SER B 122 23.37 -26.36 -4.56
CA SER B 122 23.76 -27.00 -5.81
C SER B 122 24.57 -26.02 -6.66
N GLY B 123 25.00 -26.50 -7.83
CA GLY B 123 25.86 -25.74 -8.72
C GLY B 123 27.06 -26.54 -9.21
N SER B 124 27.44 -26.30 -10.47
CA SER B 124 28.60 -26.94 -11.10
C SER B 124 29.34 -25.90 -11.93
N SER B 125 30.68 -26.00 -11.95
CA SER B 125 31.48 -25.15 -12.82
C SER B 125 31.51 -25.64 -14.27
N THR B 126 30.84 -26.75 -14.57
CA THR B 126 31.08 -27.44 -15.83
C THR B 126 29.87 -27.44 -16.74
N LEU B 127 28.81 -26.73 -16.37
CA LEU B 127 27.63 -26.65 -17.22
C LEU B 127 27.98 -26.10 -18.60
N ASP B 128 27.28 -26.61 -19.62
CA ASP B 128 27.38 -26.05 -20.96
C ASP B 128 27.20 -24.53 -20.97
N VAL B 129 26.42 -24.00 -20.03
CA VAL B 129 26.06 -22.59 -20.08
C VAL B 129 27.09 -21.71 -19.36
N TYR B 130 28.01 -22.30 -18.60
CA TYR B 130 29.16 -21.58 -18.05
C TYR B 130 30.46 -21.83 -18.84
N ASN B 131 30.41 -22.57 -19.95
CA ASN B 131 31.57 -22.82 -20.78
C ASN B 131 32.17 -21.52 -21.32
N GLY B 132 33.30 -21.10 -20.76
CA GLY B 132 33.84 -19.79 -20.97
C GLY B 132 34.67 -19.57 -22.21
N LYS B 133 34.71 -20.54 -23.15
CA LYS B 133 35.55 -20.36 -24.33
C LYS B 133 35.06 -19.21 -25.18
N TYR B 134 33.76 -18.92 -25.18
CA TYR B 134 33.23 -17.88 -26.06
C TYR B 134 33.52 -16.48 -25.51
N LEU B 135 33.43 -16.30 -24.20
CA LEU B 135 33.72 -14.98 -23.63
C LEU B 135 35.21 -14.71 -23.61
N ALA B 136 36.01 -15.70 -23.20
CA ALA B 136 37.47 -15.50 -23.19
C ALA B 136 37.98 -15.17 -24.59
N TYR B 137 37.55 -15.93 -25.61
CA TYR B 137 38.07 -15.68 -26.96
C TYR B 137 37.50 -14.42 -27.58
N THR B 138 36.19 -14.21 -27.48
CA THR B 138 35.55 -13.06 -28.14
C THR B 138 36.00 -11.73 -27.56
N GLU B 139 36.38 -11.71 -26.29
CA GLU B 139 36.70 -10.48 -25.58
C GLU B 139 38.15 -10.41 -25.12
N GLU B 140 38.96 -11.41 -25.46
CA GLU B 140 40.35 -11.53 -25.02
C GLU B 140 40.53 -11.25 -23.54
N VAL B 141 39.77 -11.97 -22.72
CA VAL B 141 39.99 -12.04 -21.27
C VAL B 141 40.38 -13.46 -20.89
N VAL B 142 40.98 -13.57 -19.70
CA VAL B 142 41.27 -14.84 -19.06
C VAL B 142 40.09 -15.19 -18.18
N LEU B 143 39.28 -16.18 -18.57
CA LEU B 143 38.11 -16.53 -17.78
C LEU B 143 38.41 -17.71 -16.84
N VAL B 144 37.88 -17.62 -15.63
CA VAL B 144 38.13 -18.61 -14.57
C VAL B 144 36.79 -19.01 -13.95
N SER B 145 36.43 -20.29 -14.07
CA SER B 145 35.35 -20.93 -13.32
C SER B 145 35.88 -21.58 -12.06
N LEU B 146 35.35 -21.21 -10.90
CA LEU B 146 35.71 -21.89 -9.66
C LEU B 146 34.56 -22.79 -9.22
N SER B 147 34.79 -23.53 -8.14
CA SER B 147 33.75 -24.39 -7.58
C SER B 147 33.95 -24.47 -6.07
N TYR B 148 32.86 -24.73 -5.37
CA TYR B 148 32.85 -24.74 -3.91
C TYR B 148 31.89 -25.81 -3.41
N ARG B 149 32.10 -26.23 -2.17
CA ARG B 149 31.20 -27.17 -1.52
C ARG B 149 29.86 -26.51 -1.25
N VAL B 150 28.78 -27.29 -1.43
CA VAL B 150 27.41 -26.85 -1.17
C VAL B 150 26.71 -27.87 -0.28
N GLY B 151 25.55 -27.46 0.26
CA GLY B 151 24.77 -28.33 1.13
C GLY B 151 25.35 -28.38 2.53
N ALA B 152 25.25 -29.54 3.17
CA ALA B 152 25.92 -29.76 4.44
C ALA B 152 27.43 -29.70 4.29
N PHE B 153 27.95 -30.07 3.13
CA PHE B 153 29.38 -30.21 2.96
C PHE B 153 30.10 -28.87 3.02
N GLY B 154 29.43 -27.80 2.62
CA GLY B 154 30.05 -26.48 2.64
C GLY B 154 29.39 -25.49 3.57
N PHE B 155 28.25 -25.83 4.19
CA PHE B 155 27.59 -24.80 4.98
C PHE B 155 26.95 -25.29 6.26
N LEU B 156 27.38 -26.44 6.79
CA LEU B 156 26.98 -26.84 8.13
C LEU B 156 27.66 -25.95 9.15
N ALA B 157 26.87 -25.36 10.04
CA ALA B 157 27.38 -24.35 10.97
C ALA B 157 27.20 -24.81 12.41
N LEU B 158 28.32 -24.99 13.12
CA LEU B 158 28.32 -25.24 14.57
C LEU B 158 29.32 -24.27 15.21
N HIS B 159 28.87 -23.05 15.43
CA HIS B 159 29.77 -21.99 15.87
C HIS B 159 30.36 -22.31 17.24
N GLY B 160 31.66 -22.04 17.38
CA GLY B 160 32.44 -22.51 18.49
C GLY B 160 33.27 -23.74 18.19
N SER B 161 32.85 -24.55 17.22
CA SER B 161 33.60 -25.70 16.75
C SER B 161 34.49 -25.30 15.60
N GLN B 162 35.72 -25.80 15.60
CA GLN B 162 36.58 -25.59 14.46
C GLN B 162 36.65 -26.82 13.56
N GLU B 163 36.03 -27.94 13.95
CA GLU B 163 35.87 -29.04 13.04
C GLU B 163 34.76 -28.81 12.02
N ALA B 164 33.89 -27.81 12.24
CA ALA B 164 32.89 -27.36 11.27
C ALA B 164 32.39 -25.98 11.68
N PRO B 165 33.07 -24.92 11.25
CA PRO B 165 32.73 -23.58 11.75
C PRO B 165 31.60 -22.92 11.00
N GLY B 166 31.30 -23.35 9.77
CA GLY B 166 30.38 -22.63 8.93
C GLY B 166 31.10 -21.69 7.98
N ASN B 167 30.34 -21.19 7.00
CA ASN B 167 30.90 -20.33 5.94
C ASN B 167 32.05 -20.99 5.21
N VAL B 168 32.17 -22.30 5.38
CA VAL B 168 33.32 -23.01 4.85
C VAL B 168 33.30 -23.03 3.32
N GLY B 169 32.12 -23.22 2.72
CA GLY B 169 32.00 -23.15 1.27
C GLY B 169 32.40 -21.80 0.69
N LEU B 170 32.23 -20.72 1.47
CA LEU B 170 32.73 -19.41 1.05
C LEU B 170 34.25 -19.37 1.06
N LEU B 171 34.88 -20.10 2.01
CA LEU B 171 36.32 -20.13 2.07
C LEU B 171 36.97 -20.93 0.95
N ASP B 172 36.24 -21.87 0.33
CA ASP B 172 36.78 -22.52 -0.87
C ASP B 172 36.84 -21.55 -2.05
N GLN B 173 35.89 -20.62 -2.12
CA GLN B 173 35.98 -19.62 -3.16
C GLN B 173 37.10 -18.64 -2.87
N ARG B 174 37.37 -18.38 -1.61
CA ARG B 174 38.50 -17.51 -1.31
C ARG B 174 39.80 -18.22 -1.64
N MET B 175 39.89 -19.51 -1.33
CA MET B 175 41.11 -20.24 -1.64
C MET B 175 41.28 -20.41 -3.15
N ALA B 176 40.19 -20.68 -3.85
CA ALA B 176 40.25 -20.57 -5.30
C ALA B 176 40.72 -19.18 -5.69
N LEU B 177 40.20 -18.15 -5.03
CA LEU B 177 40.57 -16.79 -5.38
C LEU B 177 42.05 -16.56 -5.14
N GLN B 178 42.54 -17.01 -3.97
CA GLN B 178 43.95 -16.82 -3.67
C GLN B 178 44.81 -17.64 -4.63
N TRP B 179 44.29 -18.77 -5.09
CA TRP B 179 45.00 -19.53 -6.10
C TRP B 179 45.15 -18.71 -7.36
N VAL B 180 44.10 -17.99 -7.76
CA VAL B 180 44.19 -17.12 -8.94
C VAL B 180 45.18 -15.99 -8.69
N HIS B 181 45.15 -15.42 -7.47
CA HIS B 181 46.06 -14.35 -7.10
C HIS B 181 47.50 -14.81 -7.03
N ASP B 182 47.72 -16.10 -6.78
CA ASP B 182 49.08 -16.66 -6.74
C ASP B 182 49.57 -17.15 -8.10
N ASN B 183 48.66 -17.55 -9.02
CA ASN B 183 49.10 -18.27 -10.20
C ASN B 183 48.65 -17.71 -11.54
N ILE B 184 47.52 -16.99 -11.58
CA ILE B 184 46.96 -16.53 -12.85
C ILE B 184 48.03 -15.83 -13.68
N GLN B 185 49.01 -15.22 -13.02
CA GLN B 185 50.08 -14.54 -13.73
C GLN B 185 50.78 -15.44 -14.76
N PHE B 186 50.89 -16.76 -14.51
CA PHE B 186 51.52 -17.67 -15.47
C PHE B 186 50.58 -18.11 -16.57
N PHE B 187 49.30 -17.76 -16.51
CA PHE B 187 48.41 -18.00 -17.63
C PHE B 187 48.14 -16.72 -18.38
N GLY B 188 48.97 -15.70 -18.18
CA GLY B 188 48.73 -14.40 -18.79
C GLY B 188 47.65 -13.57 -18.13
N GLY B 189 47.31 -13.86 -16.87
CA GLY B 189 46.39 -13.04 -16.12
C GLY B 189 47.10 -11.97 -15.30
N ASP B 190 46.39 -10.86 -15.08
CA ASP B 190 46.91 -9.83 -14.20
C ASP B 190 46.21 -9.89 -12.85
N PRO B 191 46.83 -10.48 -11.79
CA PRO B 191 46.14 -10.60 -10.49
C PRO B 191 45.66 -9.26 -9.93
N LYS B 192 46.14 -8.15 -10.47
CA LYS B 192 45.71 -6.83 -10.02
C LYS B 192 44.41 -6.36 -10.68
N THR B 193 43.74 -7.24 -11.42
CA THR B 193 42.59 -6.88 -12.22
C THR B 193 41.69 -8.11 -12.33
N VAL B 194 41.46 -8.75 -11.19
CA VAL B 194 40.55 -9.89 -11.10
C VAL B 194 39.16 -9.36 -10.85
N THR B 195 38.19 -9.85 -11.61
CA THR B 195 36.80 -9.47 -11.50
C THR B 195 36.03 -10.73 -11.12
N ILE B 196 35.56 -10.81 -9.87
CA ILE B 196 34.64 -11.90 -9.53
C ILE B 196 33.25 -11.59 -10.07
N PHE B 197 32.56 -12.60 -10.57
CA PHE B 197 31.19 -12.36 -10.97
C PHE B 197 30.35 -13.63 -10.88
N GLY B 198 29.23 -13.53 -10.15
CA GLY B 198 28.34 -14.65 -9.94
C GLY B 198 26.90 -14.30 -10.23
N GLU B 199 26.06 -15.34 -10.28
CA GLU B 199 24.62 -15.18 -10.46
C GLU B 199 23.88 -15.96 -9.39
N SER B 200 22.85 -15.35 -8.81
CA SER B 200 22.03 -15.94 -7.75
C SER B 200 22.86 -16.12 -6.48
N ALA B 201 23.08 -17.36 -6.05
CA ALA B 201 23.98 -17.57 -4.93
C ALA B 201 25.41 -17.17 -5.28
N GLY B 202 25.73 -17.09 -6.57
CA GLY B 202 27.02 -16.56 -6.97
C GLY B 202 27.12 -15.07 -6.74
N GLY B 203 26.12 -14.32 -7.22
CA GLY B 203 26.04 -12.89 -6.95
C GLY B 203 25.94 -12.55 -5.47
N ALA B 204 25.38 -13.45 -4.68
CA ALA B 204 25.42 -13.25 -3.24
C ALA B 204 26.84 -13.41 -2.73
N SER B 205 27.57 -14.42 -3.23
CA SER B 205 28.92 -14.67 -2.74
C SER B 205 29.86 -13.53 -3.12
N VAL B 206 29.67 -12.98 -4.31
CA VAL B 206 30.45 -11.81 -4.69
C VAL B 206 30.26 -10.70 -3.66
N GLY B 207 29.00 -10.37 -3.38
CA GLY B 207 28.73 -9.34 -2.39
C GLY B 207 29.31 -9.62 -1.01
N MET B 208 29.46 -10.89 -0.65
CA MET B 208 29.98 -11.15 0.69
C MET B 208 31.50 -11.07 0.73
N HIS B 209 32.17 -11.40 -0.38
CA HIS B 209 33.59 -11.07 -0.47
C HIS B 209 33.81 -9.57 -0.41
N ILE B 210 32.97 -8.79 -1.13
CA ILE B 210 32.87 -7.35 -0.91
C ILE B 210 32.86 -7.03 0.59
N LEU B 211 32.00 -7.72 1.35
CA LEU B 211 31.85 -7.41 2.78
C LEU B 211 33.02 -7.96 3.60
N SER B 212 33.45 -9.18 3.31
CA SER B 212 34.32 -9.90 4.23
C SER B 212 35.73 -9.34 4.21
N PRO B 213 36.30 -8.99 5.37
CA PRO B 213 37.69 -8.50 5.37
C PRO B 213 38.69 -9.52 4.83
N GLY B 214 38.46 -10.81 5.06
CA GLY B 214 39.43 -11.80 4.60
C GLY B 214 39.53 -11.95 3.10
N SER B 215 38.55 -11.44 2.35
CA SER B 215 38.49 -11.67 0.93
C SER B 215 38.64 -10.42 0.10
N ARG B 216 38.78 -9.25 0.73
CA ARG B 216 38.76 -7.97 0.02
C ARG B 216 39.91 -7.85 -0.97
N ASP B 217 41.08 -8.36 -0.63
CA ASP B 217 42.27 -8.04 -1.40
C ASP B 217 42.57 -9.08 -2.48
N LEU B 218 41.63 -9.98 -2.78
CA LEU B 218 41.84 -11.06 -3.73
C LEU B 218 41.14 -10.83 -5.05
N PHE B 219 40.53 -9.66 -5.21
CA PHE B 219 39.82 -9.31 -6.44
C PHE B 219 39.69 -7.79 -6.47
N ARG B 220 39.46 -7.26 -7.67
CA ARG B 220 39.51 -5.82 -7.89
C ARG B 220 38.13 -5.19 -8.01
N ARG B 221 37.29 -5.67 -8.95
CA ARG B 221 35.90 -5.27 -8.97
C ARG B 221 34.96 -6.45 -8.82
N ALA B 222 33.70 -6.24 -9.18
CA ALA B 222 32.66 -7.14 -8.73
C ALA B 222 31.43 -6.94 -9.59
N ILE B 223 30.89 -8.04 -10.10
CA ILE B 223 29.64 -8.06 -10.87
C ILE B 223 28.66 -9.00 -10.19
N LEU B 224 27.50 -8.48 -9.79
CA LEU B 224 26.47 -9.27 -9.11
C LEU B 224 25.21 -9.33 -9.95
N GLN B 225 24.85 -10.54 -10.42
CA GLN B 225 23.64 -10.76 -11.20
C GLN B 225 22.56 -11.43 -10.36
N SER B 226 21.45 -10.74 -10.11
CA SER B 226 20.26 -11.36 -9.53
C SER B 226 20.51 -11.91 -8.13
N GLY B 227 21.37 -11.25 -7.38
CA GLY B 227 21.74 -11.75 -6.08
C GLY B 227 22.56 -10.73 -5.33
N SER B 228 22.36 -10.64 -4.02
CA SER B 228 23.06 -9.68 -3.20
C SER B 228 23.27 -10.33 -1.86
N PRO B 229 24.18 -9.81 -1.04
CA PRO B 229 24.50 -10.53 0.21
C PRO B 229 23.39 -10.51 1.24
N ASN B 230 22.50 -9.53 1.17
CA ASN B 230 21.46 -9.37 2.17
C ASN B 230 20.14 -10.02 1.77
N CYS B 231 20.16 -10.87 0.75
CA CYS B 231 18.95 -11.61 0.39
C CYS B 231 18.49 -12.43 1.60
N PRO B 232 17.18 -12.51 1.84
CA PRO B 232 16.69 -13.25 3.02
C PRO B 232 17.20 -14.68 3.10
N TRP B 233 17.31 -15.36 1.96
CA TRP B 233 17.66 -16.78 1.90
C TRP B 233 19.17 -17.05 1.94
N ALA B 234 20.00 -16.03 1.77
CA ALA B 234 21.43 -16.22 1.57
C ALA B 234 22.23 -16.20 2.87
N SER B 235 21.58 -16.02 4.01
CA SER B 235 22.30 -16.03 5.28
C SER B 235 21.33 -16.43 6.37
N VAL B 236 21.90 -16.88 7.49
CA VAL B 236 21.15 -17.24 8.69
C VAL B 236 22.01 -16.83 9.87
N SER B 237 21.36 -16.48 10.99
CA SER B 237 22.18 -16.09 12.12
C SER B 237 22.67 -17.33 12.86
N VAL B 238 23.70 -17.12 13.70
CA VAL B 238 24.52 -18.22 14.21
C VAL B 238 23.68 -19.23 14.97
N ALA B 239 22.73 -18.74 15.78
CA ALA B 239 21.88 -19.60 16.59
C ALA B 239 21.14 -20.59 15.72
N GLU B 240 20.18 -20.08 14.94
CA GLU B 240 19.39 -20.92 14.05
C GLU B 240 20.27 -21.73 13.11
N GLY B 241 21.44 -21.18 12.74
CA GLY B 241 22.38 -21.96 11.95
C GLY B 241 22.80 -23.23 12.67
N ARG B 242 23.16 -23.11 13.95
CA ARG B 242 23.35 -24.32 14.76
C ARG B 242 22.10 -25.17 14.76
N ARG B 243 20.96 -24.54 15.05
CA ARG B 243 19.70 -25.25 15.20
C ARG B 243 19.61 -26.27 14.05
N ARG B 244 19.58 -25.79 12.80
CA ARG B 244 19.53 -26.69 11.64
C ARG B 244 20.58 -27.77 11.62
N ALA B 245 21.82 -27.46 12.01
CA ALA B 245 22.80 -28.51 12.10
C ALA B 245 22.37 -29.59 13.10
N VAL B 246 21.66 -29.18 14.16
CA VAL B 246 21.29 -30.12 15.22
C VAL B 246 19.93 -30.77 14.95
N GLU B 247 19.01 -30.15 14.18
CA GLU B 247 17.86 -30.95 13.73
C GLU B 247 18.23 -31.92 12.64
N LEU B 248 19.26 -31.62 11.85
CA LEU B 248 19.73 -32.63 10.90
C LEU B 248 20.24 -33.87 11.62
N GLY B 249 20.76 -33.70 12.84
CA GLY B 249 21.18 -34.82 13.65
C GLY B 249 20.00 -35.67 14.08
N ARG B 250 19.06 -35.04 14.80
CA ARG B 250 17.81 -35.69 15.17
C ARG B 250 17.17 -36.40 13.97
N ASN B 251 17.34 -35.84 12.78
CA ASN B 251 16.73 -36.42 11.59
C ASN B 251 17.42 -37.70 11.14
N LEU B 252 18.66 -37.94 11.58
CA LEU B 252 19.40 -39.14 11.21
C LEU B 252 20.09 -39.80 12.40
N ASN B 253 19.36 -39.98 13.50
CA ASN B 253 19.78 -40.80 14.65
C ASN B 253 21.22 -40.54 15.10
N CYS B 254 21.49 -39.28 15.45
CA CYS B 254 22.83 -38.89 15.90
C CYS B 254 22.84 -38.64 17.41
N ASN B 255 24.04 -38.39 17.92
CA ASN B 255 24.22 -38.00 19.31
C ASN B 255 24.14 -36.48 19.41
N LEU B 256 23.42 -35.98 20.42
CA LEU B 256 23.18 -34.54 20.52
C LEU B 256 23.50 -34.01 21.92
N ASN B 257 24.30 -34.74 22.68
CA ASN B 257 24.89 -34.28 23.93
C ASN B 257 26.24 -33.59 23.71
N SER B 258 26.63 -33.33 22.46
CA SER B 258 27.93 -32.78 22.17
C SER B 258 27.95 -32.20 20.77
N ASP B 259 29.01 -31.46 20.47
CA ASP B 259 29.32 -31.10 19.09
C ASP B 259 30.32 -32.07 18.46
N GLU B 260 31.17 -32.69 19.29
CA GLU B 260 32.22 -33.53 18.75
C GLU B 260 31.67 -34.82 18.16
N GLU B 261 30.57 -35.33 18.72
CA GLU B 261 29.95 -36.54 18.20
C GLU B 261 28.71 -36.27 17.37
N LEU B 262 27.98 -35.19 17.63
CA LEU B 262 27.05 -34.65 16.64
C LEU B 262 27.71 -34.52 15.29
N ILE B 263 29.03 -34.36 15.29
CA ILE B 263 29.82 -34.20 14.08
C ILE B 263 30.40 -35.53 13.61
N HIS B 264 31.18 -36.20 14.47
CA HIS B 264 31.64 -37.55 14.15
C HIS B 264 30.47 -38.40 13.73
N CYS B 265 29.30 -38.08 14.28
CA CYS B 265 28.10 -38.75 13.82
C CYS B 265 27.88 -38.57 12.33
N LEU B 266 28.24 -37.35 11.71
CA LEU B 266 27.96 -36.82 10.32
C LEU B 266 29.16 -36.90 9.28
N ARG B 267 30.25 -37.62 9.57
CA ARG B 267 31.43 -37.82 8.70
C ARG B 267 31.58 -39.20 8.01
N GLU B 268 31.14 -40.32 8.62
CA GLU B 268 31.24 -41.70 8.09
C GLU B 268 29.93 -42.19 7.48
N LYS B 269 28.92 -41.32 7.45
CA LYS B 269 27.88 -41.17 6.44
C LYS B 269 28.46 -41.09 5.08
N LYS B 270 27.82 -41.76 4.18
CA LYS B 270 28.18 -41.42 2.84
C LYS B 270 27.20 -40.38 2.34
N PRO B 271 27.52 -39.72 1.25
CA PRO B 271 26.99 -38.35 1.07
C PRO B 271 25.53 -38.27 0.65
N GLN B 272 25.05 -39.18 -0.22
CA GLN B 272 23.63 -39.14 -0.54
C GLN B 272 22.78 -39.29 0.70
N GLU B 273 23.32 -39.94 1.75
CA GLU B 273 22.59 -40.05 3.00
C GLU B 273 22.23 -38.68 3.58
N LEU B 274 23.13 -37.70 3.46
CA LEU B 274 22.80 -36.39 4.00
C LEU B 274 22.03 -35.53 3.03
N ILE B 275 22.12 -35.82 1.73
CA ILE B 275 21.31 -35.08 0.77
C ILE B 275 19.87 -35.58 0.77
N ASP B 276 19.65 -36.87 1.03
CA ASP B 276 18.28 -37.37 1.06
C ASP B 276 17.45 -36.71 2.16
N VAL B 277 18.12 -36.21 3.20
CA VAL B 277 17.49 -35.60 4.35
C VAL B 277 17.88 -34.14 4.51
N GLU B 278 18.59 -33.57 3.54
CA GLU B 278 19.03 -32.19 3.65
C GLU B 278 17.86 -31.24 3.90
N TRP B 279 16.67 -31.59 3.42
CA TRP B 279 15.63 -30.62 3.11
C TRP B 279 14.64 -30.37 4.23
N ASN B 280 14.70 -31.10 5.32
CA ASN B 280 13.60 -31.08 6.26
C ASN B 280 13.78 -30.10 7.42
N VAL B 281 14.97 -29.55 7.62
CA VAL B 281 15.31 -28.85 8.87
C VAL B 281 14.91 -27.38 8.88
N LEU B 282 14.21 -26.94 7.84
CA LEU B 282 13.81 -25.54 7.69
C LEU B 282 12.60 -25.20 8.57
N PRO B 283 12.38 -23.90 8.82
CA PRO B 283 11.12 -23.47 9.44
C PRO B 283 9.84 -23.90 8.72
N PHE B 284 9.71 -25.22 8.49
CA PHE B 284 8.48 -25.90 8.06
C PHE B 284 7.82 -25.25 6.84
N ASP B 285 8.64 -24.66 5.98
CA ASP B 285 8.18 -24.10 4.72
C ASP B 285 9.42 -23.87 3.87
N SER B 286 9.28 -24.02 2.55
CA SER B 286 10.40 -23.71 1.69
C SER B 286 10.08 -22.44 0.95
N ILE B 287 9.43 -22.50 -0.23
CA ILE B 287 9.21 -21.38 -1.15
C ILE B 287 10.37 -20.40 -1.06
N PHE B 288 11.50 -20.78 -1.67
CA PHE B 288 12.66 -19.91 -1.83
C PHE B 288 13.46 -19.76 -0.51
N ARG B 289 13.58 -20.83 0.29
CA ARG B 289 14.59 -20.90 1.37
C ARG B 289 15.28 -22.25 1.35
N PHE B 290 16.60 -22.24 1.55
CA PHE B 290 17.43 -23.42 1.37
C PHE B 290 18.10 -23.84 2.67
N SER B 291 18.42 -25.13 2.75
CA SER B 291 18.81 -25.75 4.02
C SER B 291 20.02 -25.07 4.63
N PHE B 292 21.19 -25.18 3.98
CA PHE B 292 22.46 -24.76 4.57
C PHE B 292 23.08 -23.64 3.76
N VAL B 293 23.26 -22.48 4.39
CA VAL B 293 23.66 -21.26 3.73
C VAL B 293 24.64 -20.52 4.64
N PRO B 294 25.35 -19.53 4.13
CA PRO B 294 26.29 -18.76 4.98
C PRO B 294 25.68 -18.32 6.31
N VAL B 295 26.51 -18.28 7.32
CA VAL B 295 26.12 -17.86 8.67
C VAL B 295 26.80 -16.53 8.98
N ILE B 296 26.16 -15.73 9.82
CA ILE B 296 26.70 -14.45 10.28
C ILE B 296 27.46 -14.77 11.56
N ASP B 297 28.77 -14.98 11.43
CA ASP B 297 29.55 -15.71 12.42
C ASP B 297 30.55 -14.86 13.20
N GLY B 298 30.54 -13.55 13.00
CA GLY B 298 31.52 -12.72 13.71
C GLY B 298 32.96 -12.91 13.28
N GLU B 299 33.22 -13.69 12.25
CA GLU B 299 34.59 -13.92 11.78
C GLU B 299 34.69 -13.68 10.27
N PHE B 300 34.16 -14.59 9.45
CA PHE B 300 34.04 -14.28 8.02
C PHE B 300 33.27 -12.99 7.81
N PHE B 301 32.18 -12.81 8.55
CA PHE B 301 31.47 -11.53 8.61
C PHE B 301 31.67 -10.93 10.00
N PRO B 302 32.42 -9.84 10.13
CA PRO B 302 32.66 -9.26 11.47
C PRO B 302 31.39 -8.86 12.18
N THR B 303 30.38 -8.40 11.44
CA THR B 303 29.17 -7.85 12.03
C THR B 303 27.98 -8.46 11.28
N SER B 304 26.76 -8.13 11.73
CA SER B 304 25.59 -8.17 10.85
C SER B 304 25.89 -7.36 9.58
N LEU B 305 25.22 -7.74 8.48
CA LEU B 305 25.47 -7.09 7.21
C LEU B 305 24.88 -5.69 7.16
N GLU B 306 23.70 -5.52 7.76
CA GLU B 306 23.08 -4.20 7.83
C GLU B 306 24.02 -3.17 8.45
N SER B 307 24.67 -3.51 9.55
CA SER B 307 25.55 -2.51 10.14
C SER B 307 26.88 -2.38 9.39
N MET B 308 27.27 -3.40 8.65
CA MET B 308 28.45 -3.23 7.81
C MET B 308 28.16 -2.25 6.68
N LEU B 309 27.08 -2.47 5.92
CA LEU B 309 26.73 -1.52 4.85
C LEU B 309 26.44 -0.12 5.39
N ASN B 310 26.00 -0.01 6.65
CA ASN B 310 25.68 1.27 7.25
C ASN B 310 26.94 2.07 7.52
N SER B 311 27.95 1.41 8.06
CA SER B 311 29.23 2.04 8.35
C SER B 311 30.13 2.14 7.13
N GLY B 312 29.72 1.57 6.00
CA GLY B 312 30.64 1.48 4.89
C GLY B 312 31.78 0.50 5.12
N ASN B 313 31.68 -0.38 6.10
CA ASN B 313 32.71 -1.38 6.35
C ASN B 313 32.64 -2.44 5.25
N PHE B 314 33.22 -2.09 4.09
CA PHE B 314 33.38 -3.03 2.99
C PHE B 314 34.38 -2.48 1.98
N LYS B 315 34.71 -3.31 1.00
CA LYS B 315 35.62 -2.90 -0.07
C LYS B 315 34.96 -1.82 -0.94
N LYS B 316 35.63 -0.67 -1.10
CA LYS B 316 35.15 0.39 -1.97
C LYS B 316 35.70 0.17 -3.36
N THR B 317 34.83 -0.04 -4.34
CA THR B 317 35.34 -0.19 -5.69
C THR B 317 34.21 0.09 -6.67
N GLN B 318 34.25 -0.52 -7.84
CA GLN B 318 33.14 -0.48 -8.78
C GLN B 318 32.41 -1.80 -8.72
N ILE B 319 31.09 -1.73 -8.91
CA ILE B 319 30.22 -2.89 -9.05
C ILE B 319 29.36 -2.63 -10.26
N LEU B 320 29.01 -3.71 -10.93
CA LEU B 320 28.00 -3.67 -11.98
C LEU B 320 26.99 -4.74 -11.64
N LEU B 321 25.74 -4.36 -11.46
CA LEU B 321 24.82 -5.35 -10.93
C LEU B 321 23.43 -5.07 -11.46
N GLY B 322 22.57 -6.07 -11.33
CA GLY B 322 21.23 -6.00 -11.88
C GLY B 322 20.49 -7.26 -11.54
N VAL B 323 19.26 -7.33 -12.07
CA VAL B 323 18.34 -8.44 -11.84
C VAL B 323 17.66 -8.76 -13.16
N ASN B 324 17.05 -9.93 -13.22
CA ASN B 324 16.11 -10.16 -14.29
C ASN B 324 14.72 -9.79 -13.83
N LYS B 325 13.82 -9.64 -14.80
CA LYS B 325 12.49 -9.13 -14.51
C LYS B 325 11.72 -10.09 -13.59
N ASP B 326 11.68 -11.37 -13.94
CA ASP B 326 10.85 -12.35 -13.25
C ASP B 326 11.77 -13.32 -12.51
N GLU B 327 12.00 -13.02 -11.25
CA GLU B 327 12.92 -13.78 -10.42
C GLU B 327 12.25 -14.83 -9.56
N GLY B 328 10.93 -14.86 -9.54
CA GLY B 328 10.28 -15.84 -8.67
C GLY B 328 9.48 -16.95 -9.34
N SER B 329 9.46 -16.98 -10.67
CA SER B 329 8.68 -18.00 -11.34
C SER B 329 9.19 -19.42 -11.02
N PHE B 330 10.51 -19.63 -11.00
CA PHE B 330 11.03 -20.96 -10.69
C PHE B 330 10.52 -21.50 -9.36
N PHE B 331 10.29 -20.63 -8.38
CA PHE B 331 10.10 -21.08 -7.01
C PHE B 331 8.64 -21.35 -6.73
N LEU B 332 7.77 -20.58 -7.38
CA LEU B 332 6.38 -20.97 -7.53
C LEU B 332 6.27 -22.31 -8.23
N LEU B 333 6.80 -22.39 -9.47
CA LEU B 333 6.68 -23.60 -10.27
C LEU B 333 6.97 -24.84 -9.47
N TYR B 334 8.05 -24.82 -8.70
CA TYR B 334 8.48 -25.98 -7.95
C TYR B 334 7.87 -26.07 -6.56
N GLY B 335 6.98 -25.16 -6.16
CA GLY B 335 6.52 -25.22 -4.79
C GLY B 335 5.05 -24.92 -4.59
N ALA B 336 4.67 -23.71 -4.93
CA ALA B 336 3.36 -23.11 -4.69
C ALA B 336 2.18 -23.95 -5.20
N PRO B 337 0.95 -23.60 -4.83
CA PRO B 337 -0.23 -24.31 -5.34
C PRO B 337 -0.58 -23.83 -6.75
N GLY B 338 -0.85 -24.77 -7.64
CA GLY B 338 -1.48 -24.42 -8.90
C GLY B 338 -0.59 -23.69 -9.87
N PHE B 339 0.71 -23.89 -9.76
CA PHE B 339 1.66 -23.45 -10.75
C PHE B 339 2.12 -24.69 -11.45
N SER B 340 1.96 -24.73 -12.76
CA SER B 340 2.39 -25.88 -13.54
C SER B 340 3.20 -25.41 -14.73
N LYS B 341 4.10 -26.29 -15.18
CA LYS B 341 4.84 -26.06 -16.41
C LYS B 341 3.93 -26.03 -17.64
N ASP B 342 2.72 -26.61 -17.57
CA ASP B 342 1.92 -26.83 -18.77
C ASP B 342 0.50 -26.25 -18.66
N SER B 343 0.32 -25.25 -17.81
CA SER B 343 -0.87 -24.42 -17.82
C SER B 343 -0.44 -22.96 -17.78
N GLU B 344 -1.40 -22.07 -18.01
CA GLU B 344 -1.17 -20.67 -17.72
C GLU B 344 -0.94 -20.44 -16.23
N SER B 345 -1.22 -21.42 -15.40
CA SER B 345 -1.11 -21.29 -13.95
C SER B 345 -1.86 -20.06 -13.46
N LYS B 346 -2.98 -19.75 -14.12
CA LYS B 346 -3.94 -18.83 -13.51
C LYS B 346 -4.30 -19.37 -12.13
N ILE B 347 -4.76 -18.47 -11.27
CA ILE B 347 -4.66 -18.70 -9.85
C ILE B 347 -5.85 -18.06 -9.11
N SER B 348 -6.58 -18.87 -8.35
CA SER B 348 -7.66 -18.32 -7.54
C SER B 348 -7.13 -17.34 -6.50
N ARG B 349 -8.05 -16.55 -5.93
CA ARG B 349 -7.69 -15.66 -4.83
C ARG B 349 -7.34 -16.48 -3.60
N GLU B 350 -8.16 -17.49 -3.31
CA GLU B 350 -7.94 -18.38 -2.17
C GLU B 350 -6.54 -18.97 -2.19
N ASP B 351 -6.03 -19.35 -3.36
CA ASP B 351 -4.68 -19.87 -3.35
C ASP B 351 -3.63 -18.78 -3.61
N PHE B 352 -4.05 -17.52 -3.85
CA PHE B 352 -3.13 -16.38 -3.84
C PHE B 352 -2.80 -15.97 -2.41
N MET B 353 -3.77 -16.06 -1.50
CA MET B 353 -3.50 -15.78 -0.10
C MET B 353 -2.49 -16.77 0.45
N SER B 354 -2.71 -18.07 0.18
CA SER B 354 -1.79 -19.10 0.64
C SER B 354 -0.43 -18.96 -0.04
N GLY B 355 -0.42 -18.41 -1.26
CA GLY B 355 0.82 -17.98 -1.85
C GLY B 355 1.62 -17.09 -0.91
N VAL B 356 1.06 -15.94 -0.49
CA VAL B 356 1.88 -14.98 0.23
C VAL B 356 2.18 -15.44 1.64
N LYS B 357 1.39 -16.37 2.20
CA LYS B 357 1.76 -16.90 3.51
C LYS B 357 3.01 -17.76 3.39
N LEU B 358 3.08 -18.59 2.35
CA LEU B 358 4.34 -19.22 2.01
C LEU B 358 5.41 -18.16 1.75
N SER B 359 5.09 -17.17 0.90
CA SER B 359 6.10 -16.26 0.34
C SER B 359 6.76 -15.34 1.38
N VAL B 360 6.11 -15.08 2.51
CA VAL B 360 6.82 -14.39 3.59
C VAL B 360 6.84 -15.31 4.82
N PRO B 361 7.75 -16.30 4.80
CA PRO B 361 7.91 -17.26 5.91
C PRO B 361 7.52 -16.73 7.28
N HIS B 362 8.06 -15.59 7.68
CA HIS B 362 8.10 -15.17 9.07
C HIS B 362 6.89 -14.36 9.49
N ALA B 363 6.15 -13.85 8.52
CA ALA B 363 5.15 -12.83 8.78
C ALA B 363 4.07 -13.34 9.72
N ASN B 364 3.68 -12.43 10.60
CA ASN B 364 2.56 -12.54 11.50
C ASN B 364 1.28 -12.33 10.71
N ASP B 365 0.16 -12.20 11.43
CA ASP B 365 -1.13 -11.97 10.81
C ASP B 365 -1.19 -10.62 10.08
N LEU B 366 -0.64 -9.56 10.71
CA LEU B 366 -0.74 -8.22 10.13
C LEU B 366 0.21 -8.04 8.96
N GLY B 367 1.35 -8.73 8.97
CA GLY B 367 2.24 -8.68 7.82
C GLY B 367 1.61 -9.30 6.59
N LEU B 368 0.91 -10.43 6.76
CA LEU B 368 0.23 -11.07 5.63
C LEU B 368 -0.80 -10.14 5.00
N ASP B 369 -1.51 -9.36 5.84
CA ASP B 369 -2.53 -8.46 5.34
C ASP B 369 -1.92 -7.27 4.59
N ALA B 370 -0.79 -6.74 5.08
CA ALA B 370 -0.04 -5.72 4.34
C ALA B 370 0.31 -6.21 2.94
N VAL B 371 1.04 -7.33 2.87
CA VAL B 371 1.58 -7.79 1.60
C VAL B 371 0.46 -8.14 0.65
N THR B 372 -0.63 -8.68 1.18
CA THR B 372 -1.82 -8.93 0.39
C THR B 372 -2.30 -7.64 -0.29
N LEU B 373 -2.27 -6.53 0.44
CA LEU B 373 -2.94 -5.31 0.02
C LEU B 373 -2.19 -4.51 -1.05
N GLN B 374 -0.85 -4.64 -1.13
CA GLN B 374 -0.08 -3.88 -2.13
C GLN B 374 0.04 -4.59 -3.47
N TYR B 375 -0.31 -5.88 -3.54
CA TYR B 375 -0.20 -6.65 -4.78
C TYR B 375 -1.54 -7.03 -5.34
N THR B 376 -2.61 -6.51 -4.77
CA THR B 376 -3.98 -6.87 -5.10
C THR B 376 -4.68 -5.73 -5.83
N ASP B 377 -5.22 -6.03 -7.00
CA ASP B 377 -6.16 -5.13 -7.68
C ASP B 377 -7.56 -5.37 -7.11
N TRP B 378 -7.98 -4.56 -6.14
CA TRP B 378 -9.24 -4.89 -5.47
C TRP B 378 -10.48 -4.60 -6.33
N MET B 379 -10.31 -4.04 -7.53
CA MET B 379 -11.38 -4.00 -8.53
C MET B 379 -11.49 -5.30 -9.32
N ASP B 380 -10.72 -6.31 -8.96
CA ASP B 380 -10.45 -7.42 -9.87
C ASP B 380 -9.74 -8.55 -9.14
N ASP B 381 -10.25 -8.95 -7.98
CA ASP B 381 -9.44 -9.73 -7.06
C ASP B 381 -9.39 -11.23 -7.38
N ASN B 382 -10.26 -11.75 -8.24
CA ASN B 382 -10.18 -13.13 -8.69
C ASN B 382 -9.74 -13.24 -10.15
N ASN B 383 -9.26 -12.14 -10.71
CA ASN B 383 -8.59 -12.15 -12.00
C ASN B 383 -7.45 -13.16 -11.97
N GLY B 384 -7.64 -14.27 -12.69
CA GLY B 384 -6.71 -15.39 -12.59
C GLY B 384 -5.28 -15.03 -12.94
N ILE B 385 -5.10 -14.06 -13.84
CA ILE B 385 -3.74 -13.73 -14.29
C ILE B 385 -3.08 -12.74 -13.35
N LYS B 386 -3.74 -11.61 -13.07
CA LYS B 386 -3.19 -10.64 -12.14
C LYS B 386 -2.83 -11.28 -10.81
N ASN B 387 -3.49 -12.39 -10.46
CA ASN B 387 -3.21 -13.02 -9.19
C ASN B 387 -1.91 -13.83 -9.26
N ARG B 388 -1.67 -14.59 -10.32
CA ARG B 388 -0.38 -15.27 -10.42
CA ARG B 388 -0.38 -15.28 -10.44
C ARG B 388 0.73 -14.29 -10.75
N ASP B 389 0.47 -13.33 -11.65
CA ASP B 389 1.43 -12.27 -11.93
C ASP B 389 1.77 -11.52 -10.65
N GLY B 390 0.74 -11.11 -9.90
CA GLY B 390 0.95 -10.49 -8.59
C GLY B 390 1.87 -11.30 -7.70
N LEU B 391 1.47 -12.52 -7.39
CA LEU B 391 2.17 -13.31 -6.38
C LEU B 391 3.56 -13.67 -6.84
N ASP B 392 3.76 -13.87 -8.15
CA ASP B 392 5.10 -14.10 -8.68
C ASP B 392 5.97 -12.86 -8.50
N ASP B 393 5.35 -11.69 -8.52
CA ASP B 393 6.09 -10.48 -8.20
C ASP B 393 6.43 -10.40 -6.72
N ILE B 394 5.57 -10.89 -5.83
CA ILE B 394 5.92 -10.87 -4.42
C ILE B 394 7.22 -11.61 -4.18
N VAL B 395 7.30 -12.85 -4.67
CA VAL B 395 8.49 -13.67 -4.46
C VAL B 395 9.72 -13.04 -5.14
N GLY B 396 9.54 -12.49 -6.35
CA GLY B 396 10.64 -11.81 -6.99
C GLY B 396 11.06 -10.54 -6.26
N ASP B 397 10.08 -9.67 -5.97
CA ASP B 397 10.36 -8.39 -5.31
C ASP B 397 11.00 -8.61 -3.96
N HIS B 398 10.45 -9.53 -3.18
CA HIS B 398 10.87 -9.67 -1.79
C HIS B 398 12.22 -10.38 -1.65
N ASN B 399 12.52 -11.33 -2.53
CA ASN B 399 13.64 -12.24 -2.33
C ASN B 399 14.92 -11.80 -3.05
N VAL B 400 14.80 -11.04 -4.14
CA VAL B 400 16.00 -10.51 -4.79
C VAL B 400 15.88 -9.01 -5.06
N ILE B 401 14.92 -8.60 -5.92
CA ILE B 401 14.95 -7.26 -6.51
C ILE B 401 15.08 -6.20 -5.41
N CYS B 402 14.22 -6.25 -4.41
CA CYS B 402 14.29 -5.24 -3.37
C CYS B 402 15.46 -5.45 -2.41
N PRO B 403 15.81 -6.70 -2.05
CA PRO B 403 17.07 -6.90 -1.31
C PRO B 403 18.30 -6.33 -1.99
N LEU B 404 18.37 -6.44 -3.32
CA LEU B 404 19.54 -5.96 -4.03
C LEU B 404 19.53 -4.45 -4.10
N MET B 405 18.37 -3.85 -4.40
CA MET B 405 18.28 -2.39 -4.44
C MET B 405 18.67 -1.77 -3.11
N HIS B 406 18.41 -2.47 -2.00
CA HIS B 406 18.96 -2.04 -0.73
C HIS B 406 20.48 -2.00 -0.80
N PHE B 407 21.08 -3.14 -1.14
CA PHE B 407 22.52 -3.22 -1.30
C PHE B 407 23.06 -2.08 -2.16
N VAL B 408 22.36 -1.76 -3.26
CA VAL B 408 22.90 -0.77 -4.18
C VAL B 408 22.84 0.63 -3.58
N ASN B 409 21.72 0.97 -2.93
CA ASN B 409 21.62 2.32 -2.38
C ASN B 409 22.62 2.52 -1.24
N LYS B 410 22.82 1.49 -0.41
CA LYS B 410 23.76 1.60 0.71
C LYS B 410 25.20 1.62 0.22
N TYR B 411 25.51 0.75 -0.75
CA TYR B 411 26.84 0.68 -1.34
C TYR B 411 27.25 1.99 -1.98
N THR B 412 26.42 2.50 -2.89
CA THR B 412 26.79 3.62 -3.77
C THR B 412 27.33 4.82 -3.02
N LYS B 413 26.94 4.96 -1.75
CA LYS B 413 27.34 6.07 -0.88
C LYS B 413 28.83 6.05 -0.51
N PHE B 414 29.56 4.97 -0.84
CA PHE B 414 30.94 4.73 -0.44
C PHE B 414 31.85 4.30 -1.57
N GLY B 415 31.35 3.48 -2.52
CA GLY B 415 32.18 2.94 -3.59
C GLY B 415 32.51 3.98 -4.66
N ASN B 416 33.35 3.57 -5.61
CA ASN B 416 33.76 4.48 -6.69
C ASN B 416 33.03 4.17 -7.98
N GLY B 417 31.76 3.81 -7.89
CA GLY B 417 30.98 3.64 -9.10
C GLY B 417 30.09 2.43 -9.05
N THR B 418 28.85 2.59 -9.51
CA THR B 418 27.84 1.52 -9.55
C THR B 418 27.17 1.59 -10.90
N TYR B 419 26.94 0.43 -11.52
CA TYR B 419 26.14 0.35 -12.73
C TYR B 419 25.05 -0.67 -12.50
N LEU B 420 23.81 -0.30 -12.82
CA LEU B 420 22.66 -1.11 -12.49
C LEU B 420 21.86 -1.39 -13.76
N TYR B 421 21.53 -2.66 -14.00
CA TYR B 421 20.82 -3.05 -15.22
C TYR B 421 19.53 -3.77 -14.85
N PHE B 422 18.55 -3.65 -15.73
CA PHE B 422 17.29 -4.40 -15.62
C PHE B 422 17.19 -5.31 -16.84
N PHE B 423 17.40 -6.61 -16.65
CA PHE B 423 17.45 -7.54 -17.77
C PHE B 423 16.05 -8.12 -17.99
N ASN B 424 15.44 -7.75 -19.12
CA ASN B 424 14.05 -8.12 -19.34
C ASN B 424 13.84 -8.66 -20.74
N HIS B 425 14.79 -9.43 -21.25
CA HIS B 425 14.61 -10.10 -22.52
C HIS B 425 14.26 -11.58 -22.31
N ARG B 426 13.06 -11.94 -22.71
CA ARG B 426 12.66 -13.33 -22.82
C ARG B 426 13.28 -13.92 -24.07
N ALA B 427 14.06 -15.00 -23.91
CA ALA B 427 14.82 -15.55 -25.02
C ALA B 427 13.89 -16.18 -26.05
N SER B 428 14.37 -16.25 -27.29
CA SER B 428 13.53 -16.72 -28.40
C SER B 428 13.35 -18.23 -28.37
N ASN B 429 14.31 -18.96 -27.79
CA ASN B 429 14.29 -20.41 -27.80
C ASN B 429 13.95 -21.00 -26.43
N LEU B 430 13.37 -20.21 -25.55
CA LEU B 430 13.20 -20.62 -24.16
C LEU B 430 12.19 -21.77 -24.09
N VAL B 431 12.63 -22.89 -23.51
CA VAL B 431 11.84 -24.11 -23.45
C VAL B 431 10.74 -24.02 -22.40
N TRP B 432 10.84 -23.02 -21.51
CA TRP B 432 9.96 -22.84 -20.36
C TRP B 432 8.70 -22.08 -20.75
N PRO B 433 7.64 -22.17 -19.92
CA PRO B 433 6.37 -21.56 -20.31
C PRO B 433 6.50 -20.06 -20.34
N GLU B 434 5.69 -19.45 -21.21
CA GLU B 434 5.69 -17.99 -21.36
C GLU B 434 5.41 -17.29 -20.03
N TRP B 435 4.40 -17.77 -19.28
CA TRP B 435 3.97 -17.10 -18.05
C TRP B 435 5.06 -16.91 -17.03
N MET B 436 6.18 -17.64 -17.15
CA MET B 436 7.31 -17.45 -16.27
C MET B 436 8.17 -16.24 -16.66
N GLY B 437 7.92 -15.65 -17.84
CA GLY B 437 8.62 -14.43 -18.22
C GLY B 437 10.13 -14.60 -18.41
N VAL B 438 10.88 -13.58 -17.97
CA VAL B 438 12.34 -13.58 -18.07
C VAL B 438 12.85 -14.22 -16.79
N ILE B 439 13.02 -15.55 -16.83
CA ILE B 439 13.40 -16.27 -15.63
C ILE B 439 14.83 -15.94 -15.22
N HIS B 440 15.08 -16.00 -13.93
CA HIS B 440 16.46 -15.85 -13.47
C HIS B 440 17.28 -17.02 -14.00
N GLY B 441 18.49 -16.73 -14.44
CA GLY B 441 19.38 -17.73 -14.99
C GLY B 441 19.53 -17.65 -16.49
N TYR B 442 18.57 -17.03 -17.19
CA TYR B 442 18.60 -17.07 -18.65
C TYR B 442 19.11 -15.79 -19.27
N GLU B 443 19.79 -14.96 -18.47
CA GLU B 443 20.74 -13.99 -18.97
C GLU B 443 22.17 -14.54 -18.96
N ILE B 444 22.44 -15.55 -18.12
CA ILE B 444 23.73 -16.23 -18.16
C ILE B 444 24.08 -16.64 -19.58
N GLU B 445 23.15 -17.28 -20.28
CA GLU B 445 23.47 -17.74 -21.63
C GLU B 445 23.95 -16.59 -22.53
N PHE B 446 23.56 -15.34 -22.24
CA PHE B 446 24.03 -14.20 -23.03
C PHE B 446 25.37 -13.65 -22.53
N VAL B 447 25.63 -13.68 -21.23
CA VAL B 447 26.94 -13.29 -20.73
C VAL B 447 28.03 -14.17 -21.34
N PHE B 448 27.76 -15.45 -21.55
CA PHE B 448 28.78 -16.37 -22.08
C PHE B 448 28.69 -16.55 -23.58
N GLY B 449 28.17 -15.56 -24.30
CA GLY B 449 28.18 -15.57 -25.76
C GLY B 449 27.55 -16.76 -26.47
N LEU B 450 26.78 -17.58 -25.77
CA LEU B 450 26.12 -18.70 -26.42
C LEU B 450 25.35 -18.31 -27.68
N PRO B 451 24.60 -17.20 -27.73
CA PRO B 451 23.94 -16.86 -29.01
C PRO B 451 24.90 -16.74 -30.19
N LEU B 452 26.22 -16.71 -30.01
CA LEU B 452 27.09 -16.62 -31.17
C LEU B 452 27.23 -17.95 -31.89
N VAL B 453 26.80 -19.04 -31.26
CA VAL B 453 26.79 -20.39 -31.82
C VAL B 453 25.50 -20.53 -32.61
N LYS B 454 25.58 -20.65 -33.94
CA LYS B 454 24.33 -20.51 -34.68
C LYS B 454 23.58 -21.83 -34.81
N GLU B 455 24.19 -22.96 -34.49
CA GLU B 455 23.42 -24.19 -34.37
C GLU B 455 22.45 -24.15 -33.19
N LEU B 456 22.55 -23.15 -32.32
CA LEU B 456 21.65 -23.00 -31.18
C LEU B 456 20.43 -22.14 -31.50
N ASN B 457 20.26 -21.75 -32.76
CA ASN B 457 18.99 -21.25 -33.30
C ASN B 457 18.48 -20.02 -32.52
N TYR B 458 19.41 -19.24 -31.96
CA TYR B 458 19.12 -17.87 -31.50
C TYR B 458 19.00 -16.91 -32.68
N THR B 459 18.28 -15.82 -32.46
CA THR B 459 18.08 -14.83 -33.52
C THR B 459 19.34 -13.99 -33.68
N ALA B 460 19.41 -13.25 -34.80
CA ALA B 460 20.57 -12.40 -35.03
C ALA B 460 20.62 -11.28 -34.00
N GLU B 461 19.46 -10.74 -33.60
CA GLU B 461 19.38 -9.68 -32.60
C GLU B 461 19.77 -10.15 -31.20
N GLU B 462 19.83 -11.46 -30.97
CA GLU B 462 20.35 -11.99 -29.72
C GLU B 462 21.85 -12.25 -29.77
N GLU B 463 22.41 -12.47 -30.96
CA GLU B 463 23.87 -12.38 -31.07
C GLU B 463 24.31 -10.94 -30.85
N ALA B 464 23.59 -9.99 -31.44
CA ALA B 464 23.86 -8.57 -31.23
C ALA B 464 23.84 -8.20 -29.75
N LEU B 465 22.91 -8.78 -28.99
CA LEU B 465 22.70 -8.38 -27.60
C LEU B 465 23.68 -9.05 -26.65
N SER B 466 24.10 -10.28 -26.98
CA SER B 466 25.11 -10.97 -26.19
C SER B 466 26.48 -10.36 -26.40
N ARG B 467 26.71 -9.80 -27.59
CA ARG B 467 27.95 -9.07 -27.83
C ARG B 467 27.95 -7.73 -27.12
N ARG B 468 26.81 -7.04 -27.11
CA ARG B 468 26.69 -5.84 -26.29
C ARG B 468 26.97 -6.15 -24.82
N ILE B 469 26.44 -7.28 -24.34
CA ILE B 469 26.53 -7.59 -22.92
C ILE B 469 27.93 -8.04 -22.57
N MET B 470 28.54 -8.83 -23.44
CA MET B 470 29.90 -9.30 -23.19
C MET B 470 30.89 -8.15 -23.14
N HIS B 471 30.73 -7.17 -24.05
CA HIS B 471 31.62 -6.02 -24.05
C HIS B 471 31.37 -5.13 -22.82
N TYR B 472 30.10 -4.90 -22.45
CA TYR B 472 29.82 -4.23 -21.17
C TYR B 472 30.51 -4.93 -20.01
N TRP B 473 30.42 -6.26 -19.97
CA TRP B 473 30.98 -7.04 -18.87
C TRP B 473 32.51 -7.00 -18.87
N ALA B 474 33.13 -7.27 -20.02
CA ALA B 474 34.58 -7.30 -20.08
C ALA B 474 35.19 -5.90 -19.95
N THR B 475 34.65 -4.92 -20.70
CA THR B 475 35.13 -3.56 -20.55
C THR B 475 34.98 -3.09 -19.13
N PHE B 476 33.91 -3.53 -18.45
CA PHE B 476 33.82 -3.23 -17.03
C PHE B 476 34.94 -3.90 -16.26
N ALA B 477 35.35 -5.10 -16.67
CA ALA B 477 36.39 -5.83 -15.94
C ALA B 477 37.77 -5.19 -16.13
N LYS B 478 38.07 -4.69 -17.35
CA LYS B 478 39.28 -3.89 -17.60
C LYS B 478 39.22 -2.54 -16.93
N THR B 479 38.32 -1.68 -17.41
CA THR B 479 38.31 -0.24 -17.10
C THR B 479 37.54 0.11 -15.83
N GLY B 480 36.79 -0.81 -15.25
CA GLY B 480 35.87 -0.36 -14.21
C GLY B 480 34.68 0.44 -14.72
N ASN B 481 34.41 0.42 -16.03
CA ASN B 481 33.32 1.22 -16.58
C ASN B 481 32.82 0.46 -17.81
N PRO B 482 31.50 0.27 -17.94
CA PRO B 482 31.00 -0.64 -19.00
C PRO B 482 31.25 -0.09 -20.39
N ASN B 483 31.45 1.22 -20.53
CA ASN B 483 31.47 1.87 -21.83
C ASN B 483 32.92 2.11 -22.24
N GLU B 484 33.18 2.01 -23.53
CA GLU B 484 34.41 2.58 -24.05
C GLU B 484 34.23 4.09 -24.10
N PRO B 485 35.19 4.87 -23.63
CA PRO B 485 35.18 6.29 -24.00
C PRO B 485 35.70 6.35 -25.42
N HIS B 486 35.87 7.53 -26.00
CA HIS B 486 36.15 7.65 -27.43
C HIS B 486 35.06 6.98 -28.28
N SER B 487 33.85 6.85 -27.74
CA SER B 487 32.85 5.99 -28.35
C SER B 487 31.61 6.76 -28.77
N GLN B 488 30.89 6.18 -29.73
CA GLN B 488 29.69 6.77 -30.31
C GLN B 488 28.42 6.05 -29.89
N GLU B 489 28.52 4.92 -29.21
CA GLU B 489 27.32 4.23 -28.80
C GLU B 489 26.74 4.91 -27.56
N SER B 490 25.47 4.58 -27.28
CA SER B 490 24.75 5.25 -26.19
C SER B 490 25.36 4.83 -24.86
N LYS B 491 25.66 5.82 -24.02
CA LYS B 491 26.42 5.56 -22.80
C LYS B 491 25.49 5.18 -21.65
N TRP B 492 25.93 4.19 -20.90
CA TRP B 492 25.28 3.63 -19.73
C TRP B 492 25.61 4.48 -18.51
N PRO B 493 24.66 5.25 -17.99
CA PRO B 493 25.00 6.23 -16.96
C PRO B 493 25.36 5.57 -15.63
N LEU B 494 26.27 6.21 -14.90
CA LEU B 494 26.57 5.81 -13.53
C LEU B 494 25.33 5.87 -12.66
N PHE B 495 25.20 4.89 -11.78
CA PHE B 495 24.18 4.94 -10.73
C PHE B 495 24.68 5.88 -9.64
N THR B 496 23.97 6.98 -9.47
CA THR B 496 24.33 8.00 -8.50
C THR B 496 23.34 7.94 -7.34
N THR B 497 23.86 8.22 -6.15
CA THR B 497 23.06 8.14 -4.93
C THR B 497 21.88 9.11 -4.95
N LYS B 498 21.92 10.12 -5.83
CA LYS B 498 20.78 11.02 -6.02
C LYS B 498 19.77 10.42 -6.99
N GLU B 499 20.11 10.36 -8.28
CA GLU B 499 19.16 10.11 -9.36
C GLU B 499 18.90 8.63 -9.67
N GLN B 500 19.73 7.73 -9.17
CA GLN B 500 19.44 6.30 -9.17
C GLN B 500 19.16 5.75 -10.58
N LYS B 501 19.89 6.26 -11.58
CA LYS B 501 19.70 5.81 -12.95
C LYS B 501 20.06 4.34 -13.14
N PHE B 502 19.47 3.72 -14.17
CA PHE B 502 19.80 2.35 -14.59
C PHE B 502 19.33 2.14 -16.03
N ILE B 503 19.67 0.97 -16.59
CA ILE B 503 19.37 0.67 -17.99
C ILE B 503 18.61 -0.64 -18.13
N ASP B 504 17.91 -0.75 -19.27
CA ASP B 504 17.32 -2.00 -19.74
C ASP B 504 18.33 -2.69 -20.64
N LEU B 505 18.45 -4.01 -20.51
CA LEU B 505 19.26 -4.81 -21.42
C LEU B 505 18.32 -5.68 -22.23
N ASN B 506 18.27 -5.47 -23.54
CA ASN B 506 17.45 -6.28 -24.44
C ASN B 506 17.85 -5.95 -25.88
N THR B 507 17.07 -6.43 -26.83
CA THR B 507 17.44 -6.34 -28.23
C THR B 507 17.22 -4.96 -28.83
N GLU B 508 16.57 -4.08 -28.12
CA GLU B 508 16.29 -2.76 -28.62
C GLU B 508 17.42 -1.81 -28.25
N PRO B 509 17.54 -0.68 -28.97
CA PRO B 509 18.42 0.39 -28.49
C PRO B 509 18.06 0.72 -27.06
N MET B 510 19.07 1.14 -26.30
CA MET B 510 19.05 1.18 -24.86
C MET B 510 18.23 2.38 -24.34
N LYS B 511 17.74 2.23 -23.11
CA LYS B 511 16.91 3.22 -22.44
C LYS B 511 17.41 3.41 -21.00
N VAL B 512 17.16 4.60 -20.46
CA VAL B 512 17.59 4.96 -19.11
C VAL B 512 16.35 5.20 -18.25
N HIS B 513 16.23 4.43 -17.17
CA HIS B 513 15.17 4.64 -16.21
C HIS B 513 15.75 5.07 -14.87
N GLN B 514 14.90 5.67 -14.04
CA GLN B 514 15.30 6.19 -12.74
C GLN B 514 14.60 5.40 -11.66
N ARG B 515 15.39 4.94 -10.69
CA ARG B 515 14.87 4.33 -9.47
C ARG B 515 14.07 3.08 -9.77
N LEU B 516 14.70 1.92 -9.63
CA LEU B 516 14.10 0.68 -10.07
C LEU B 516 13.15 0.19 -9.00
N ARG B 517 11.87 0.11 -9.36
CA ARG B 517 10.87 -0.55 -8.52
C ARG B 517 10.75 0.12 -7.15
N VAL B 518 10.79 1.45 -7.13
CA VAL B 518 10.81 2.19 -5.86
C VAL B 518 9.63 1.84 -5.00
N GLN B 519 8.41 1.85 -5.58
CA GLN B 519 7.22 1.78 -4.75
C GLN B 519 7.20 0.46 -4.01
N MET B 520 7.50 -0.61 -4.72
CA MET B 520 7.53 -1.91 -4.07
C MET B 520 8.69 -2.01 -3.09
N CYS B 521 9.81 -1.36 -3.39
CA CYS B 521 10.95 -1.50 -2.50
C CYS B 521 10.91 -0.55 -1.32
N VAL B 522 10.15 0.54 -1.38
CA VAL B 522 9.91 1.29 -0.15
C VAL B 522 9.11 0.43 0.83
N PHE B 523 8.16 -0.34 0.32
CA PHE B 523 7.36 -1.19 1.19
C PHE B 523 8.18 -2.34 1.75
N TRP B 524 9.05 -2.95 0.92
CA TRP B 524 9.79 -4.15 1.35
C TRP B 524 10.95 -3.81 2.28
N ASN B 525 11.64 -2.70 2.05
CA ASN B 525 12.86 -2.43 2.80
C ASN B 525 12.67 -1.43 3.93
N GLN B 526 11.68 -0.55 3.86
CA GLN B 526 11.53 0.46 4.91
C GLN B 526 10.28 0.30 5.74
N PHE B 527 9.16 -0.13 5.15
CA PHE B 527 7.90 -0.14 5.89
C PHE B 527 7.56 -1.49 6.49
N LEU B 528 7.62 -2.57 5.72
CA LEU B 528 7.33 -3.87 6.32
C LEU B 528 8.29 -4.23 7.45
N PRO B 529 9.61 -4.05 7.35
CA PRO B 529 10.48 -4.33 8.50
C PRO B 529 10.01 -3.65 9.78
N LYS B 530 9.41 -2.47 9.67
CA LYS B 530 8.95 -1.73 10.85
C LYS B 530 7.64 -2.28 11.37
N LEU B 531 6.86 -2.89 10.49
CA LEU B 531 5.57 -3.44 10.89
C LEU B 531 5.74 -4.64 11.78
N LEU B 532 6.75 -5.47 11.51
CA LEU B 532 6.98 -6.68 12.29
C LEU B 532 7.83 -6.41 13.53
N ASN B 533 8.83 -5.52 13.41
CA ASN B 533 9.53 -5.01 14.57
C ASN B 533 8.53 -4.49 15.62
N ALA B 534 7.37 -4.02 15.16
CA ALA B 534 6.32 -3.50 16.04
C ALA B 534 5.61 -4.62 16.79
N THR B 535 5.60 -4.52 18.12
CA THR B 535 4.84 -5.43 18.99
C THR B 535 3.33 -5.22 18.87
#